data_1KK8
#
_entry.id   1KK8
#
_cell.length_a   51.604
_cell.length_b   58.527
_cell.length_c   133.295
_cell.angle_alpha   81.08
_cell.angle_beta   84.94
_cell.angle_gamma   67.24
#
_symmetry.space_group_name_H-M   'P 1'
#
loop_
_entity.id
_entity.type
_entity.pdbx_description
1 polymer 'Myosin Heavy Chain, Striated muscle'
2 polymer 'Myosin Regulatory Light Chain, Striated adductor muscle'
3 polymer 'Myosin Essential Light Chain,Striated adductor muscle'
4 non-polymer 'MAGNESIUM ION'
5 non-polymer 'BERYLLIUM TRIFLUORIDE ION'
6 non-polymer "ADENOSINE-5'-DIPHOSPHATE"
7 non-polymer GLYCEROL
8 non-polymer 'CALCIUM ION'
9 water water
#
loop_
_entity_poly.entity_id
_entity_poly.type
_entity_poly.pdbx_seq_one_letter_code
_entity_poly.pdbx_strand_id
1 'polypeptide(L)'
;MNIDFSDPDFQYLAVDRKKLMKEQTAAFDGKKNCWVPDEKEGFASAEIQSSKGDEITVKIVADSSTRTVKKDDIQSMNPP
KFEKLEDMANMTYLNEASVLYNLRSRYTSGLIYTYSGLFCIAVNPYRRLPIYTDSVIAKYRGKRKTEIPPHLFSVADNAY
QNMVTDRENQSCLITGESGAGKTENTKKVIMYLAKVACAVKKKDEEASDKKEGSLEDQIIQANPVLEAYGNAKTTRNNNS
SRFGKFIRIHFGPTGKIAGADIETYLLEKSRVTYQQSAERNYHIFYQICSNAIPELNDVMLVTPDSGLYSFINQGCLTVD
NIDDVEEFKLCDEAFDILGFTKEEKQSMFKCTASILHMGEMKFKQRPREEQAESDGTAEAEKVAFLCGINAGDLLKALLK
PKVKVGTEMVTKGQNMNQVVNSVGALAKSLYDRMFNWLVRRVNKTLDTKAKRNYYIGVLDIAGFEIFDFNSFEQLCINYT
NERLQQFFNHHMFILEQEEYKKEGIAWEFIDFGMDLQMCIDLIEKPMGILSILEEECMFPKADDKSFQDKLYQNHMGKNR
MFTKPGKPTRPNQGPAHFELHHYAGNVPYSITGWLEKNKDPINENVVALLGASKEPLVAELFKAPEEPAGGGKKKKGKSS
AFQTISAVHRESLNKLMKNLYSTHPHFVRCIIPNELKQPGLVDAELVLHQLQCNGVLEGIRICRKGFPSRLIYSEFKQRY
SILAPNAIPQGFVDGKTVSEKILAGLQMDPAEYRLGTTKVFFKAGVLGNLEEMRDERLSKIISMFQAHIRGYLIRKAYKK
LQDQRIGLSVIQRNIRKWLVLRNWQWWKLYSKVKPLL
;
A
2 'polypeptide(L)'
;PQKQIQEMKEAFSMIDVDRDGFVSKEDIKAISEQLGRAPDDKELTAMLKEAPGPLNFTMFLSIFSDKLSGTDSEETIRNA
FAMFDEQETKKLNIEYIKDLLENMGDNFNKDEMRMTFKEAPVEGGKFDYVKFTAMIKGS
;
B
3 'polypeptide(L)'
;PKLSQDEIDDLKDVFELFDFWDGRDGAVDAFKLGDVCRCLGINPRNEDVFAVGGTHKMGEKSLPFEEFLPAYEGLMDCEQ
GTFADYMEAFKTFDREGQGFISGAELRHVLTALGERLSDEDVDEIIKLTDLQEDLEGNVKYEDFVKKVMAGPYP
;
C
#
# COMPACT_ATOMS: atom_id res chain seq x y z
N MET A 1 -24.10 30.55 6.27
CA MET A 1 -24.26 29.31 7.10
C MET A 1 -25.31 29.52 8.18
N ASN A 2 -24.85 29.67 9.43
CA ASN A 2 -25.77 29.84 10.54
C ASN A 2 -25.42 30.91 11.58
N ILE A 3 -26.43 31.22 12.39
CA ILE A 3 -26.35 32.20 13.46
C ILE A 3 -26.75 31.49 14.76
N ASP A 4 -26.01 31.73 15.84
CA ASP A 4 -26.30 31.14 17.15
C ASP A 4 -25.35 31.77 18.14
N PHE A 5 -25.84 32.08 19.35
CA PHE A 5 -24.99 32.74 20.35
C PHE A 5 -24.40 31.85 21.43
N SER A 6 -24.44 32.35 22.66
CA SER A 6 -23.93 31.69 23.86
C SER A 6 -25.00 30.76 24.42
N ASP A 7 -25.79 30.19 23.52
CA ASP A 7 -26.86 29.28 23.90
C ASP A 7 -26.30 27.96 24.44
N PRO A 8 -26.68 27.58 25.67
CA PRO A 8 -26.16 26.32 26.22
C PRO A 8 -26.49 25.13 25.29
N ASP A 9 -27.69 25.18 24.70
CA ASP A 9 -28.18 24.17 23.77
C ASP A 9 -27.11 23.76 22.74
N PHE A 10 -26.18 24.67 22.41
CA PHE A 10 -25.14 24.35 21.45
C PHE A 10 -23.77 24.06 22.07
N GLN A 11 -23.69 24.03 23.39
CA GLN A 11 -22.39 23.79 24.03
C GLN A 11 -21.62 22.62 23.43
N TYR A 12 -22.30 21.48 23.24
CA TYR A 12 -21.67 20.29 22.68
C TYR A 12 -21.94 20.07 21.20
N LEU A 13 -22.32 21.12 20.47
CA LEU A 13 -22.60 20.98 19.05
C LEU A 13 -21.87 21.94 18.12
N ALA A 14 -21.80 23.21 18.52
CA ALA A 14 -21.17 24.23 17.69
C ALA A 14 -19.68 24.43 17.92
N VAL A 15 -18.99 24.85 16.86
CA VAL A 15 -17.56 25.19 16.90
C VAL A 15 -17.46 26.75 16.69
N ASP A 16 -17.08 27.46 17.75
CA ASP A 16 -16.90 28.92 17.75
C ASP A 16 -15.51 29.25 17.25
N ARG A 17 -15.13 28.75 16.05
CA ARG A 17 -13.80 29.00 15.50
C ARG A 17 -13.24 30.43 15.57
N LYS A 18 -13.26 31.03 16.74
CA LYS A 18 -12.76 32.37 17.02
C LYS A 18 -12.88 32.63 18.54
N LYS A 19 -12.55 31.63 19.26
CA LYS A 19 -12.50 31.58 20.73
C LYS A 19 -11.67 30.31 20.66
N LEU A 20 -11.29 30.05 19.46
CA LEU A 20 -10.47 28.93 19.00
C LEU A 20 -10.15 29.05 17.49
N MET A 21 -9.46 30.14 17.13
CA MET A 21 -8.97 30.48 15.78
C MET A 21 -7.85 31.34 16.30
N LYS A 22 -8.01 31.57 17.60
CA LYS A 22 -7.14 32.31 18.47
C LYS A 22 -6.50 31.25 19.34
N THR A 25 -2.18 30.29 16.88
CA THR A 25 -0.89 30.71 17.43
C THR A 25 0.22 29.68 17.17
N ALA A 26 0.40 29.37 15.88
CA ALA A 26 1.42 28.42 15.40
C ALA A 26 1.50 28.51 13.86
N ALA A 27 2.70 28.37 13.31
CA ALA A 27 2.88 28.46 11.85
C ALA A 27 2.66 27.15 11.10
N PHE A 28 2.30 27.29 9.83
CA PHE A 28 2.06 26.16 8.96
C PHE A 28 2.60 26.38 7.54
N ASP A 29 3.23 25.35 6.98
CA ASP A 29 3.77 25.41 5.61
C ASP A 29 3.49 24.06 4.90
N GLY A 30 2.61 24.07 3.91
CA GLY A 30 2.26 22.87 3.18
C GLY A 30 3.42 22.03 2.65
N LYS A 31 4.51 22.67 2.25
CA LYS A 31 5.67 21.95 1.71
C LYS A 31 6.50 21.31 2.81
N LYS A 32 6.26 21.72 4.05
CA LYS A 32 7.04 21.23 5.18
C LYS A 32 6.25 20.41 6.22
N ASN A 33 5.03 20.83 6.51
CA ASN A 33 4.18 20.16 7.50
C ASN A 33 3.41 19.01 6.84
N CYS A 34 3.46 17.83 7.47
CA CYS A 34 2.81 16.66 6.92
C CYS A 34 2.58 15.58 7.98
N TRP A 35 1.86 14.54 7.58
CA TRP A 35 1.57 13.41 8.46
C TRP A 35 2.48 12.25 8.13
N VAL A 36 2.97 11.58 9.16
CA VAL A 36 3.80 10.41 8.90
C VAL A 36 3.28 9.29 9.79
N PRO A 37 3.45 8.04 9.36
CA PRO A 37 2.96 6.92 10.18
C PRO A 37 3.50 7.00 11.58
N ASP A 38 2.75 6.43 12.50
CA ASP A 38 3.14 6.43 13.90
C ASP A 38 2.46 5.23 14.56
N GLU A 39 3.26 4.26 14.97
CA GLU A 39 2.72 3.06 15.57
C GLU A 39 1.81 3.22 16.80
N LYS A 40 1.90 4.35 17.50
CA LYS A 40 1.06 4.52 18.69
C LYS A 40 -0.04 5.58 18.64
N GLU A 41 -0.13 6.35 17.56
CA GLU A 41 -1.18 7.36 17.43
C GLU A 41 -1.69 7.39 16.00
N GLY A 42 -1.35 6.34 15.24
CA GLY A 42 -1.79 6.23 13.88
C GLY A 42 -0.92 7.05 12.96
N PHE A 43 -0.97 8.37 13.17
CA PHE A 43 -0.19 9.33 12.40
C PHE A 43 0.31 10.42 13.33
N ALA A 44 1.52 10.89 13.06
CA ALA A 44 2.16 11.92 13.85
C ALA A 44 2.45 13.17 13.03
N SER A 45 2.29 14.31 13.65
CA SER A 45 2.52 15.60 13.00
C SER A 45 4.01 15.85 12.81
N ALA A 46 4.41 16.11 11.58
CA ALA A 46 5.84 16.31 11.33
C ALA A 46 6.21 17.42 10.35
N GLU A 47 7.51 17.67 10.31
CA GLU A 47 8.10 18.69 9.44
C GLU A 47 9.30 18.08 8.75
N ILE A 48 9.26 18.10 7.42
CA ILE A 48 10.35 17.56 6.61
C ILE A 48 11.67 18.33 6.80
N GLN A 49 12.72 17.64 7.25
CA GLN A 49 14.03 18.26 7.45
C GLN A 49 14.80 18.28 6.15
N SER A 50 14.98 17.11 5.57
CA SER A 50 15.69 17.00 4.31
C SER A 50 15.21 15.78 3.54
N SER A 51 15.81 15.57 2.39
CA SER A 51 15.44 14.48 1.52
C SER A 51 16.66 13.85 0.86
N LYS A 52 16.59 12.53 0.70
CA LYS A 52 17.63 11.75 0.07
C LYS A 52 16.89 10.67 -0.73
N GLY A 53 16.32 11.09 -1.86
CA GLY A 53 15.58 10.16 -2.69
C GLY A 53 14.24 9.76 -2.08
N ASP A 54 14.01 8.45 -1.96
CA ASP A 54 12.79 7.88 -1.42
C ASP A 54 12.78 7.92 0.11
N GLU A 55 13.90 8.31 0.69
CA GLU A 55 14.01 8.40 2.15
C GLU A 55 13.97 9.85 2.61
N ILE A 56 12.97 10.21 3.43
CA ILE A 56 12.84 11.59 3.90
C ILE A 56 13.12 11.66 5.38
N THR A 57 13.75 12.73 5.82
CA THR A 57 14.03 12.90 7.23
C THR A 57 13.07 13.92 7.78
N VAL A 58 12.37 13.57 8.86
CA VAL A 58 11.45 14.52 9.43
C VAL A 58 11.71 14.73 10.91
N LYS A 59 11.13 15.81 11.40
CA LYS A 59 11.23 16.19 12.79
C LYS A 59 9.81 15.96 13.34
N ILE A 60 9.70 15.11 14.35
CA ILE A 60 8.41 14.81 14.97
C ILE A 60 8.06 15.98 15.86
N VAL A 61 7.11 16.80 15.42
CA VAL A 61 6.70 17.99 16.16
C VAL A 61 6.46 17.86 17.66
N ALA A 62 5.93 16.73 18.13
CA ALA A 62 5.66 16.58 19.56
C ALA A 62 6.92 16.67 20.45
N ASP A 63 7.89 15.78 20.26
CA ASP A 63 9.11 15.78 21.06
C ASP A 63 10.43 16.15 20.37
N SER A 64 10.39 16.60 19.11
CA SER A 64 11.60 16.98 18.39
C SER A 64 12.49 15.81 17.93
N SER A 65 12.03 14.58 18.14
CA SER A 65 12.82 13.42 17.71
C SER A 65 12.95 13.42 16.19
N THR A 66 13.87 12.63 15.69
CA THR A 66 14.12 12.55 14.27
C THR A 66 13.91 11.13 13.77
N ARG A 67 13.32 11.01 12.58
CA ARG A 67 13.11 9.69 12.03
C ARG A 67 13.05 9.77 10.52
N THR A 68 13.16 8.60 9.92
CA THR A 68 13.20 8.42 8.48
C THR A 68 11.89 7.81 8.01
N VAL A 69 11.37 8.30 6.89
CA VAL A 69 10.11 7.79 6.36
C VAL A 69 10.10 7.73 4.83
N LYS A 70 9.59 6.61 4.29
CA LYS A 70 9.49 6.43 2.84
C LYS A 70 8.63 7.59 2.37
N LYS A 71 9.04 8.20 1.27
CA LYS A 71 8.34 9.34 0.72
C LYS A 71 6.87 9.03 0.41
N ASP A 72 6.58 7.77 0.10
CA ASP A 72 5.21 7.38 -0.24
C ASP A 72 4.30 7.32 0.98
N ASP A 73 4.84 7.03 2.15
CA ASP A 73 4.02 6.96 3.35
C ASP A 73 3.67 8.32 3.96
N ILE A 74 4.22 9.38 3.41
CA ILE A 74 3.93 10.71 3.93
C ILE A 74 2.56 11.10 3.40
N GLN A 75 1.67 11.56 4.27
CA GLN A 75 0.36 11.98 3.83
C GLN A 75 0.17 13.48 4.05
N SER A 76 -0.50 14.14 3.10
CA SER A 76 -0.75 15.58 3.15
C SER A 76 -1.55 16.06 4.34
N MET A 77 -1.07 17.12 4.97
CA MET A 77 -1.76 17.71 6.13
C MET A 77 -2.59 18.91 5.72
N ASN A 78 -3.80 19.04 6.28
CA ASN A 78 -4.64 20.20 5.95
C ASN A 78 -4.15 21.43 6.74
N PRO A 79 -4.38 22.65 6.23
CA PRO A 79 -3.93 23.84 6.97
C PRO A 79 -4.84 24.18 8.15
N PRO A 80 -4.32 24.93 9.13
CA PRO A 80 -5.04 25.33 10.33
C PRO A 80 -6.47 25.86 10.16
N LYS A 81 -6.81 26.36 8.99
CA LYS A 81 -8.15 26.90 8.78
C LYS A 81 -9.25 25.83 8.84
N PHE A 82 -8.92 24.61 8.41
CA PHE A 82 -9.92 23.53 8.39
C PHE A 82 -10.05 22.75 9.68
N GLU A 83 -9.64 23.36 10.79
CA GLU A 83 -9.69 22.75 12.10
C GLU A 83 -11.12 22.43 12.56
N LYS A 84 -11.33 21.18 13.02
CA LYS A 84 -12.64 20.73 13.48
C LYS A 84 -13.74 21.03 12.47
N LEU A 85 -13.40 21.00 11.18
CA LEU A 85 -14.40 21.29 10.16
C LEU A 85 -15.65 20.39 10.30
N GLU A 86 -16.80 21.00 10.09
CA GLU A 86 -18.08 20.30 10.19
C GLU A 86 -18.39 19.38 9.01
N ASP A 87 -17.89 19.70 7.82
CA ASP A 87 -18.10 18.81 6.67
C ASP A 87 -16.73 18.63 6.01
N MET A 88 -16.22 17.41 6.07
CA MET A 88 -14.89 17.14 5.54
C MET A 88 -14.77 17.14 4.04
N ALA A 89 -15.89 17.21 3.36
CA ALA A 89 -15.84 17.27 1.92
C ALA A 89 -15.23 18.62 1.53
N ASN A 90 -15.22 19.56 2.48
CA ASN A 90 -14.70 20.89 2.18
C ASN A 90 -13.23 21.06 2.42
N MET A 91 -12.61 20.11 3.08
CA MET A 91 -11.18 20.24 3.34
C MET A 91 -10.46 20.14 2.02
N THR A 92 -9.14 20.30 2.06
CA THR A 92 -8.34 20.23 0.85
C THR A 92 -7.91 18.78 0.70
N TYR A 93 -7.44 18.20 1.79
CA TYR A 93 -6.99 16.83 1.76
C TYR A 93 -7.92 15.95 2.53
N LEU A 94 -8.41 14.91 1.83
CA LEU A 94 -9.33 13.96 2.43
C LEU A 94 -8.69 12.58 2.45
N ASN A 95 -7.65 12.43 3.24
CA ASN A 95 -6.97 11.16 3.38
C ASN A 95 -7.15 10.60 4.80
N GLU A 96 -6.79 9.34 5.01
CA GLU A 96 -6.92 8.71 6.31
C GLU A 96 -6.36 9.55 7.43
N ALA A 97 -5.16 10.03 7.24
CA ALA A 97 -4.51 10.81 8.27
C ALA A 97 -5.27 12.09 8.62
N SER A 98 -5.78 12.79 7.65
CA SER A 98 -6.50 14.00 8.02
C SER A 98 -7.96 13.78 8.39
N VAL A 99 -8.55 12.65 8.02
CA VAL A 99 -9.95 12.38 8.41
C VAL A 99 -9.86 11.94 9.85
N LEU A 100 -8.79 11.23 10.17
CA LEU A 100 -8.57 10.77 11.54
C LEU A 100 -8.31 11.99 12.46
N TYR A 101 -7.58 12.99 11.98
CA TYR A 101 -7.30 14.19 12.79
C TYR A 101 -8.54 15.04 13.00
N ASN A 102 -9.34 15.19 11.95
CA ASN A 102 -10.52 16.00 12.03
C ASN A 102 -11.59 15.40 12.97
N LEU A 103 -11.81 14.09 12.89
CA LEU A 103 -12.77 13.45 13.79
C LEU A 103 -12.30 13.48 15.24
N ARG A 104 -11.02 13.15 15.45
CA ARG A 104 -10.43 13.10 16.79
C ARG A 104 -10.44 14.47 17.50
N SER A 105 -10.15 15.54 16.75
CA SER A 105 -10.16 16.90 17.29
C SER A 105 -11.54 17.22 17.83
N ARG A 106 -12.55 17.02 16.99
CA ARG A 106 -13.91 17.29 17.37
C ARG A 106 -14.38 16.37 18.50
N TYR A 107 -13.95 15.11 18.46
CA TYR A 107 -14.34 14.14 19.47
C TYR A 107 -13.79 14.52 20.84
N THR A 108 -12.50 14.77 20.94
CA THR A 108 -11.99 15.13 22.27
C THR A 108 -12.62 16.45 22.74
N SER A 109 -13.26 17.18 21.83
CA SER A 109 -13.94 18.41 22.19
C SER A 109 -15.43 18.16 22.49
N GLY A 110 -15.82 16.89 22.57
CA GLY A 110 -17.21 16.57 22.85
C GLY A 110 -18.12 16.62 21.65
N LEU A 111 -17.55 16.74 20.45
CA LEU A 111 -18.37 16.80 19.24
C LEU A 111 -18.35 15.42 18.54
N ILE A 112 -19.44 14.66 18.65
CA ILE A 112 -19.48 13.32 18.06
C ILE A 112 -20.03 13.25 16.65
N TYR A 113 -20.69 14.33 16.18
CA TYR A 113 -21.25 14.31 14.82
C TYR A 113 -20.48 15.15 13.83
N THR A 114 -20.17 14.57 12.68
CA THR A 114 -19.41 15.24 11.65
C THR A 114 -19.85 14.72 10.29
N TYR A 115 -19.93 15.62 9.32
CA TYR A 115 -20.27 15.21 7.98
C TYR A 115 -19.00 15.01 7.20
N SER A 116 -19.23 14.47 6.01
CA SER A 116 -18.23 14.17 5.02
C SER A 116 -19.04 13.92 3.76
N GLY A 117 -19.45 15.01 3.10
CA GLY A 117 -20.26 14.89 1.92
C GLY A 117 -21.66 14.43 2.33
N LEU A 118 -22.24 13.49 1.60
CA LEU A 118 -23.58 13.04 1.98
C LEU A 118 -23.61 12.15 3.23
N PHE A 119 -22.43 11.75 3.71
CA PHE A 119 -22.33 10.89 4.90
C PHE A 119 -22.28 11.60 6.25
N CYS A 120 -22.89 10.99 7.26
CA CYS A 120 -22.84 11.56 8.63
C CYS A 120 -22.09 10.52 9.46
N ILE A 121 -21.00 10.94 10.09
CA ILE A 121 -20.17 10.08 10.92
C ILE A 121 -20.54 10.38 12.37
N ALA A 122 -20.64 9.35 13.19
CA ALA A 122 -20.96 9.50 14.60
C ALA A 122 -19.97 8.73 15.42
N VAL A 123 -19.25 9.43 16.29
CA VAL A 123 -18.30 8.74 17.11
C VAL A 123 -18.98 8.44 18.46
N ASN A 124 -18.98 7.17 18.86
CA ASN A 124 -19.61 6.78 20.11
C ASN A 124 -19.00 7.50 21.35
N PRO A 125 -19.79 8.36 22.01
CA PRO A 125 -19.40 9.15 23.20
C PRO A 125 -18.91 8.32 24.39
N TYR A 126 -19.74 7.33 24.74
CA TYR A 126 -19.58 6.43 25.85
C TYR A 126 -19.95 7.15 27.16
N ARG A 127 -20.77 8.17 27.03
CA ARG A 127 -21.27 8.96 28.16
C ARG A 127 -22.54 9.65 27.65
N ARG A 128 -23.42 10.08 28.53
CA ARG A 128 -24.65 10.75 28.10
C ARG A 128 -24.38 12.23 27.86
N LEU A 129 -24.87 12.74 26.75
CA LEU A 129 -24.69 14.13 26.35
C LEU A 129 -26.04 14.84 26.38
N PRO A 130 -26.02 16.18 26.50
CA PRO A 130 -27.23 17.00 26.54
C PRO A 130 -27.74 17.47 25.18
N ILE A 131 -27.35 16.78 24.12
CA ILE A 131 -27.74 17.17 22.79
C ILE A 131 -29.02 16.59 22.17
N TYR A 132 -29.82 15.84 22.92
CA TYR A 132 -31.03 15.24 22.35
C TYR A 132 -32.34 15.78 23.00
N THR A 133 -32.23 16.89 23.73
CA THR A 133 -33.35 17.54 24.41
C THR A 133 -34.35 18.12 23.43
N ASP A 134 -35.58 18.30 23.87
CA ASP A 134 -36.58 18.88 22.98
C ASP A 134 -36.21 20.27 22.55
N SER A 135 -35.45 20.97 23.38
CA SER A 135 -35.01 22.31 23.08
C SER A 135 -34.08 22.26 21.86
N VAL A 136 -33.26 21.22 21.77
CA VAL A 136 -32.39 21.08 20.60
C VAL A 136 -33.28 20.75 19.40
N ILE A 137 -34.23 19.84 19.59
CA ILE A 137 -35.15 19.43 18.53
C ILE A 137 -35.98 20.60 18.05
N ALA A 138 -36.01 21.66 18.82
CA ALA A 138 -36.77 22.86 18.45
C ALA A 138 -35.84 23.64 17.49
N LYS A 139 -34.53 23.61 17.73
CA LYS A 139 -33.57 24.29 16.85
C LYS A 139 -33.27 23.57 15.52
N TYR A 140 -33.45 22.26 15.42
CA TYR A 140 -33.16 21.56 14.17
C TYR A 140 -34.33 21.42 13.23
N ARG A 141 -35.53 21.65 13.72
CA ARG A 141 -36.73 21.52 12.89
C ARG A 141 -36.69 22.41 11.67
N GLY A 142 -36.86 21.80 10.52
CA GLY A 142 -36.88 22.53 9.26
C GLY A 142 -35.57 23.01 8.69
N LYS A 143 -34.48 22.89 9.43
CA LYS A 143 -33.19 23.35 8.96
C LYS A 143 -32.39 22.51 7.94
N ARG A 144 -31.65 23.22 7.10
CA ARG A 144 -30.77 22.62 6.08
C ARG A 144 -29.54 22.23 6.89
N LYS A 145 -28.76 21.27 6.41
CA LYS A 145 -27.58 20.85 7.18
C LYS A 145 -26.53 21.93 7.36
N THR A 146 -26.47 22.87 6.41
CA THR A 146 -25.47 23.94 6.45
C THR A 146 -25.78 25.08 7.41
N GLU A 147 -27.05 25.24 7.78
CA GLU A 147 -27.45 26.31 8.68
C GLU A 147 -27.62 25.82 10.11
N ILE A 148 -26.80 24.88 10.53
CA ILE A 148 -26.94 24.34 11.87
C ILE A 148 -25.81 23.31 12.00
N PRO A 149 -25.21 23.19 13.19
CA PRO A 149 -24.12 22.22 13.34
C PRO A 149 -24.55 20.80 13.01
N PRO A 150 -23.59 19.92 12.73
CA PRO A 150 -23.87 18.51 12.39
C PRO A 150 -24.57 17.79 13.53
N HIS A 151 -25.63 17.06 13.21
CA HIS A 151 -26.35 16.33 14.24
C HIS A 151 -27.21 15.25 13.56
N LEU A 152 -27.42 14.13 14.23
CA LEU A 152 -28.26 13.06 13.71
C LEU A 152 -29.65 13.60 13.37
N PHE A 153 -30.14 14.53 14.15
CA PHE A 153 -31.46 15.11 13.90
C PHE A 153 -31.61 15.67 12.48
N SER A 154 -30.52 16.24 11.92
CA SER A 154 -30.58 16.80 10.58
C SER A 154 -30.69 15.72 9.55
N VAL A 155 -30.10 14.57 9.80
CA VAL A 155 -30.22 13.50 8.80
C VAL A 155 -31.68 13.18 8.75
N ALA A 156 -32.26 12.96 9.92
CA ALA A 156 -33.68 12.61 10.04
C ALA A 156 -34.63 13.67 9.47
N ASP A 157 -34.38 14.94 9.83
CA ASP A 157 -35.23 16.03 9.39
C ASP A 157 -35.14 16.22 7.91
N ASN A 158 -33.94 16.15 7.37
CA ASN A 158 -33.80 16.32 5.95
C ASN A 158 -34.40 15.12 5.20
N ALA A 159 -34.29 13.91 5.77
CA ALA A 159 -34.89 12.76 5.11
C ALA A 159 -36.39 13.01 5.13
N TYR A 160 -36.90 13.62 6.22
CA TYR A 160 -38.32 13.94 6.32
C TYR A 160 -38.70 15.03 5.31
N GLN A 161 -37.92 16.11 5.25
CA GLN A 161 -38.21 17.19 4.30
C GLN A 161 -38.26 16.62 2.87
N ASN A 162 -37.34 15.71 2.53
CA ASN A 162 -37.31 15.11 1.19
C ASN A 162 -38.59 14.36 0.87
N MET A 163 -39.01 13.52 1.81
CA MET A 163 -40.20 12.71 1.59
C MET A 163 -41.41 13.54 1.18
N VAL A 164 -41.58 14.67 1.84
CA VAL A 164 -42.70 15.56 1.55
C VAL A 164 -42.46 16.39 0.27
N THR A 165 -41.21 16.68 -0.03
CA THR A 165 -40.86 17.47 -1.20
C THR A 165 -40.69 16.60 -2.44
N ASP A 166 -39.88 15.55 -2.35
CA ASP A 166 -39.66 14.66 -3.48
C ASP A 166 -40.81 13.66 -3.61
N ARG A 167 -41.66 13.56 -2.61
CA ARG A 167 -42.78 12.62 -2.68
C ARG A 167 -42.24 11.20 -2.83
N GLU A 168 -41.32 10.78 -1.97
CA GLU A 168 -40.76 9.44 -2.09
C GLU A 168 -40.28 8.87 -0.75
N ASN A 169 -40.26 7.55 -0.63
CA ASN A 169 -39.82 6.91 0.60
C ASN A 169 -38.36 7.17 0.88
N GLN A 170 -38.01 7.23 2.16
CA GLN A 170 -36.64 7.47 2.55
C GLN A 170 -36.14 6.37 3.51
N SER A 171 -34.85 6.09 3.47
CA SER A 171 -34.26 5.11 4.38
C SER A 171 -32.98 5.65 5.03
N CYS A 172 -32.82 5.36 6.32
CA CYS A 172 -31.62 5.73 7.07
C CYS A 172 -30.98 4.42 7.45
N LEU A 173 -29.84 4.14 6.85
CA LEU A 173 -29.07 2.93 7.12
C LEU A 173 -27.96 3.41 8.09
N ILE A 174 -28.00 2.94 9.32
CA ILE A 174 -27.05 3.31 10.35
C ILE A 174 -26.15 2.07 10.58
N THR A 175 -24.92 2.14 10.07
CA THR A 175 -23.95 1.04 10.13
C THR A 175 -22.74 1.20 11.05
N GLY A 176 -22.06 0.08 11.33
CA GLY A 176 -20.89 0.10 12.19
C GLY A 176 -20.65 -1.20 12.90
N GLU A 177 -19.55 -1.24 13.66
CA GLU A 177 -19.15 -2.41 14.41
C GLU A 177 -20.02 -2.53 15.63
N SER A 178 -19.94 -3.66 16.32
CA SER A 178 -20.72 -3.85 17.51
C SER A 178 -20.26 -2.85 18.56
N GLY A 179 -21.20 -2.18 19.20
CA GLY A 179 -20.82 -1.19 20.20
C GLY A 179 -20.52 0.19 19.61
N ALA A 180 -20.51 0.33 18.30
CA ALA A 180 -20.24 1.60 17.66
C ALA A 180 -21.36 2.64 17.89
N GLY A 181 -22.55 2.17 18.25
CA GLY A 181 -23.66 3.08 18.50
C GLY A 181 -24.85 3.05 17.53
N LYS A 182 -24.99 1.98 16.73
CA LYS A 182 -26.10 1.89 15.77
C LYS A 182 -27.48 1.97 16.42
N THR A 183 -27.70 1.13 17.43
CA THR A 183 -28.98 1.08 18.11
C THR A 183 -29.36 2.39 18.85
N GLU A 184 -28.44 3.00 19.58
CA GLU A 184 -28.70 4.27 20.24
C GLU A 184 -29.17 5.29 19.18
N ASN A 185 -28.40 5.40 18.10
CA ASN A 185 -28.72 6.35 17.04
C ASN A 185 -30.05 6.08 16.32
N THR A 186 -30.37 4.78 16.11
CA THR A 186 -31.63 4.38 15.47
C THR A 186 -32.77 4.86 16.36
N LYS A 187 -32.60 4.75 17.67
CA LYS A 187 -33.67 5.20 18.58
C LYS A 187 -33.80 6.74 18.55
N LYS A 188 -32.68 7.47 18.50
CA LYS A 188 -32.78 8.94 18.44
C LYS A 188 -33.50 9.38 17.18
N VAL A 189 -33.28 8.68 16.06
CA VAL A 189 -33.94 9.02 14.81
C VAL A 189 -35.46 8.86 14.92
N ILE A 190 -35.90 7.72 15.41
CA ILE A 190 -37.32 7.42 15.56
C ILE A 190 -37.95 8.41 16.52
N MET A 191 -37.25 8.63 17.65
CA MET A 191 -37.72 9.55 18.66
C MET A 191 -37.94 10.96 18.12
N TYR A 192 -37.04 11.38 17.24
CA TYR A 192 -37.11 12.68 16.63
C TYR A 192 -38.36 12.78 15.76
N LEU A 193 -38.56 11.81 14.85
CA LEU A 193 -39.74 11.82 14.00
C LEU A 193 -41.03 11.74 14.82
N ALA A 194 -41.02 10.94 15.89
CA ALA A 194 -42.20 10.82 16.74
C ALA A 194 -42.51 12.15 17.42
N LYS A 195 -41.48 12.98 17.62
CA LYS A 195 -41.69 14.26 18.28
C LYS A 195 -42.05 15.41 17.34
N VAL A 196 -41.41 15.45 16.17
CA VAL A 196 -41.66 16.51 15.21
C VAL A 196 -42.84 16.24 14.26
N ALA A 197 -43.26 14.98 14.16
CA ALA A 197 -44.36 14.63 13.26
C ALA A 197 -45.53 13.83 13.87
N CYS A 198 -45.63 13.78 15.19
CA CYS A 198 -46.72 13.06 15.86
C CYS A 198 -48.07 13.57 15.38
N ALA A 199 -49.06 12.67 15.34
CA ALA A 199 -50.40 13.03 14.89
C ALA A 199 -51.14 13.94 15.85
N VAL A 200 -52.12 14.66 15.32
CA VAL A 200 -52.94 15.56 16.14
C VAL A 200 -53.66 14.75 17.22
N LYS A 201 -54.15 15.44 18.25
CA LYS A 201 -54.85 14.79 19.36
C LYS A 201 -56.30 14.50 19.00
N LYS A 210 -50.91 0.88 33.30
CA LYS A 210 -51.85 1.82 32.68
C LYS A 210 -52.48 1.15 31.47
N LYS A 211 -52.95 1.99 30.54
CA LYS A 211 -53.54 1.47 29.33
C LYS A 211 -52.70 1.87 28.13
N GLU A 212 -53.14 1.44 26.96
CA GLU A 212 -52.44 1.73 25.71
C GLU A 212 -52.25 3.23 25.45
N GLY A 213 -51.02 3.61 25.09
CA GLY A 213 -50.70 4.99 24.79
C GLY A 213 -50.99 5.19 23.32
N SER A 214 -50.65 6.35 22.76
CA SER A 214 -50.91 6.59 21.35
C SER A 214 -49.88 5.86 20.49
N LEU A 215 -50.04 5.98 19.17
CA LEU A 215 -49.13 5.33 18.23
C LEU A 215 -47.68 5.71 18.52
N GLU A 216 -47.38 7.00 18.53
CA GLU A 216 -46.03 7.46 18.81
C GLU A 216 -45.43 6.80 20.07
N ASP A 217 -46.18 6.80 21.16
CA ASP A 217 -45.73 6.18 22.41
C ASP A 217 -45.43 4.68 22.20
N GLN A 218 -46.26 3.99 21.42
CA GLN A 218 -46.04 2.57 21.18
C GLN A 218 -44.82 2.33 20.32
N ILE A 219 -44.65 3.13 19.30
CA ILE A 219 -43.47 3.00 18.45
C ILE A 219 -42.21 2.97 19.33
N ILE A 220 -42.09 3.92 20.26
CA ILE A 220 -40.96 4.00 21.18
C ILE A 220 -40.95 2.83 22.19
N GLN A 221 -42.12 2.50 22.76
CA GLN A 221 -42.15 1.42 23.75
C GLN A 221 -41.95 -0.01 23.20
N ALA A 222 -41.74 -0.13 21.88
CA ALA A 222 -41.48 -1.43 21.29
C ALA A 222 -40.04 -1.82 21.60
N ASN A 223 -39.17 -0.82 21.76
CA ASN A 223 -37.77 -1.09 22.04
C ASN A 223 -37.51 -1.82 23.34
N PRO A 224 -38.08 -1.32 24.46
CA PRO A 224 -37.82 -2.03 25.71
C PRO A 224 -38.21 -3.51 25.65
N VAL A 225 -39.27 -3.87 24.93
CA VAL A 225 -39.61 -5.30 24.92
C VAL A 225 -38.75 -6.12 23.97
N LEU A 226 -38.43 -5.58 22.80
CA LEU A 226 -37.58 -6.30 21.86
C LEU A 226 -36.13 -6.36 22.31
N GLU A 227 -35.69 -5.35 23.07
CA GLU A 227 -34.31 -5.33 23.51
C GLU A 227 -34.16 -6.26 24.68
N ALA A 228 -35.26 -6.47 25.38
CA ALA A 228 -35.29 -7.35 26.52
C ALA A 228 -35.16 -8.78 25.98
N TYR A 229 -35.83 -9.07 24.88
CA TYR A 229 -35.76 -10.41 24.30
C TYR A 229 -34.62 -10.59 23.25
N GLY A 230 -34.08 -9.51 22.68
CA GLY A 230 -33.04 -9.69 21.69
C GLY A 230 -31.70 -9.06 21.88
N ASN A 231 -31.41 -8.63 23.10
CA ASN A 231 -30.13 -8.02 23.37
C ASN A 231 -29.51 -8.73 24.54
N ALA A 232 -28.18 -8.67 24.57
CA ALA A 232 -27.47 -9.38 25.61
C ALA A 232 -26.09 -8.79 25.76
N LYS A 233 -25.52 -8.94 26.93
CA LYS A 233 -24.19 -8.46 27.11
C LYS A 233 -23.19 -9.37 26.41
N THR A 234 -22.34 -8.74 25.62
CA THR A 234 -21.27 -9.42 24.93
C THR A 234 -19.99 -8.71 25.37
N THR A 235 -18.82 -9.21 24.95
CA THR A 235 -17.58 -8.55 25.33
C THR A 235 -17.45 -7.11 24.77
N ARG A 236 -17.97 -6.90 23.57
CA ARG A 236 -17.94 -5.61 22.91
C ARG A 236 -18.98 -4.57 23.37
N ASN A 237 -20.18 -5.03 23.68
CA ASN A 237 -21.27 -4.12 24.02
C ASN A 237 -22.20 -4.70 25.10
N ASN A 238 -22.30 -4.01 26.24
CA ASN A 238 -23.16 -4.47 27.32
C ASN A 238 -24.63 -4.66 26.91
N ASN A 239 -25.06 -3.96 25.85
CA ASN A 239 -26.42 -4.04 25.34
C ASN A 239 -26.43 -4.43 23.85
N SER A 240 -25.66 -5.45 23.48
CA SER A 240 -25.57 -5.88 22.08
C SER A 240 -26.86 -6.45 21.43
N SER A 241 -27.20 -5.93 20.26
CA SER A 241 -28.37 -6.41 19.50
C SER A 241 -28.06 -7.80 18.90
N ARG A 242 -28.82 -8.82 19.27
CA ARG A 242 -28.55 -10.14 18.73
C ARG A 242 -29.51 -10.45 17.60
N PHE A 243 -30.00 -9.39 16.97
CA PHE A 243 -30.92 -9.50 15.85
C PHE A 243 -30.90 -8.21 15.04
N GLY A 244 -31.20 -8.31 13.76
CA GLY A 244 -31.23 -7.14 12.92
C GLY A 244 -32.63 -6.56 12.89
N LYS A 245 -32.74 -5.25 12.66
CA LYS A 245 -34.03 -4.59 12.65
C LYS A 245 -34.24 -3.61 11.52
N PHE A 246 -35.46 -3.56 11.00
CA PHE A 246 -35.81 -2.62 9.95
C PHE A 246 -37.16 -2.05 10.36
N ILE A 247 -37.22 -0.74 10.66
CA ILE A 247 -38.49 -0.15 11.09
C ILE A 247 -38.95 0.86 10.08
N ARG A 248 -40.23 0.82 9.76
CA ARG A 248 -40.79 1.78 8.79
C ARG A 248 -41.86 2.62 9.47
N ILE A 249 -41.69 3.93 9.38
CA ILE A 249 -42.64 4.86 9.97
C ILE A 249 -43.42 5.43 8.80
N HIS A 250 -44.69 5.07 8.69
CA HIS A 250 -45.51 5.57 7.59
C HIS A 250 -46.13 6.93 7.89
N PHE A 251 -46.22 7.78 6.89
CA PHE A 251 -46.79 9.11 7.08
C PHE A 251 -48.05 9.31 6.25
N GLY A 252 -49.08 9.90 6.88
CA GLY A 252 -50.35 10.13 6.21
C GLY A 252 -50.40 11.41 5.39
N PRO A 253 -51.59 11.78 4.89
CA PRO A 253 -51.84 12.97 4.05
C PRO A 253 -51.29 14.29 4.62
N THR A 254 -51.52 14.59 5.89
CA THR A 254 -51.01 15.85 6.46
C THR A 254 -49.53 15.84 6.85
N GLY A 255 -48.84 14.71 6.59
CA GLY A 255 -47.42 14.63 6.91
C GLY A 255 -47.15 14.18 8.33
N LYS A 256 -48.17 13.66 8.99
CA LYS A 256 -48.08 13.18 10.34
C LYS A 256 -48.02 11.65 10.29
N ILE A 257 -47.45 11.05 11.32
CA ILE A 257 -47.28 9.62 11.41
C ILE A 257 -48.57 8.84 11.32
N ALA A 258 -48.68 8.03 10.28
CA ALA A 258 -49.88 7.22 10.03
C ALA A 258 -49.84 5.84 10.71
N GLY A 259 -48.66 5.25 10.83
CA GLY A 259 -48.52 3.94 11.46
C GLY A 259 -47.08 3.46 11.33
N ALA A 260 -46.84 2.16 11.54
CA ALA A 260 -45.48 1.63 11.44
C ALA A 260 -45.44 0.11 11.59
N ASP A 261 -44.38 -0.51 11.08
CA ASP A 261 -44.17 -1.95 11.24
C ASP A 261 -42.69 -2.25 11.43
N ILE A 262 -42.39 -3.45 11.89
CA ILE A 262 -41.05 -3.87 12.20
C ILE A 262 -40.68 -5.28 11.69
N GLU A 263 -39.51 -5.40 11.06
CA GLU A 263 -38.99 -6.68 10.56
C GLU A 263 -37.72 -6.91 11.36
N THR A 264 -37.53 -8.14 11.80
CA THR A 264 -36.37 -8.50 12.57
C THR A 264 -35.73 -9.61 11.74
N TYR A 265 -34.41 -9.76 11.92
CA TYR A 265 -33.65 -10.76 11.20
C TYR A 265 -32.64 -11.43 12.11
N LEU A 266 -32.44 -12.71 11.84
CA LEU A 266 -31.46 -13.52 12.52
C LEU A 266 -31.27 -13.48 14.02
N LEU A 267 -32.29 -13.83 14.78
CA LEU A 267 -32.13 -13.85 16.22
C LEU A 267 -31.10 -14.96 16.53
N GLU A 268 -30.13 -14.66 17.39
CA GLU A 268 -29.08 -15.60 17.76
C GLU A 268 -29.62 -16.65 18.71
N LYS A 269 -30.10 -17.77 18.18
CA LYS A 269 -30.67 -18.84 19.00
C LYS A 269 -29.75 -19.52 20.04
N SER A 270 -28.48 -19.78 19.67
CA SER A 270 -27.59 -20.49 20.59
C SER A 270 -27.33 -19.81 21.92
N ARG A 271 -27.49 -18.49 21.97
CA ARG A 271 -27.24 -17.76 23.22
C ARG A 271 -28.21 -18.24 24.30
N VAL A 272 -29.41 -18.62 23.87
CA VAL A 272 -30.44 -19.11 24.79
C VAL A 272 -30.01 -20.23 25.75
N THR A 273 -29.04 -21.05 25.37
CA THR A 273 -28.58 -22.12 26.27
C THR A 273 -27.09 -22.09 26.47
N TYR A 274 -26.40 -21.20 25.75
CA TYR A 274 -24.94 -21.12 25.89
C TYR A 274 -24.38 -19.71 25.94
N GLN A 275 -23.50 -19.46 26.90
CA GLN A 275 -22.84 -18.18 27.00
C GLN A 275 -21.35 -18.38 27.23
N GLN A 276 -20.55 -17.56 26.54
CA GLN A 276 -19.10 -17.56 26.62
C GLN A 276 -18.73 -16.86 27.92
N SER A 277 -17.44 -16.83 28.24
CA SER A 277 -16.95 -16.16 29.43
C SER A 277 -17.20 -14.65 29.29
N ALA A 278 -17.71 -14.03 30.35
CA ALA A 278 -17.98 -12.59 30.34
C ALA A 278 -19.20 -12.13 29.55
N GLU A 279 -20.07 -13.08 29.18
CA GLU A 279 -21.29 -12.72 28.47
C GLU A 279 -22.51 -13.19 29.26
N ARG A 280 -23.69 -12.82 28.78
CA ARG A 280 -24.94 -13.16 29.41
C ARG A 280 -25.96 -13.62 28.38
N ASN A 281 -27.05 -14.21 28.85
CA ASN A 281 -28.10 -14.59 27.94
C ASN A 281 -28.87 -13.28 27.73
N TYR A 282 -29.99 -13.35 27.04
CA TYR A 282 -30.81 -12.16 26.83
C TYR A 282 -31.19 -11.50 28.16
N HIS A 283 -31.30 -10.17 28.13
CA HIS A 283 -31.59 -9.38 29.34
C HIS A 283 -32.83 -9.83 30.10
N ILE A 284 -33.84 -10.32 29.37
CA ILE A 284 -35.09 -10.77 29.96
C ILE A 284 -34.92 -11.76 31.10
N PHE A 285 -34.07 -12.77 30.91
CA PHE A 285 -33.83 -13.76 31.94
C PHE A 285 -33.36 -13.15 33.24
N TYR A 286 -32.49 -12.14 33.18
CA TYR A 286 -32.05 -11.55 34.43
C TYR A 286 -33.12 -10.65 35.00
N GLN A 287 -33.99 -10.17 34.13
CA GLN A 287 -35.12 -9.37 34.55
C GLN A 287 -36.08 -10.29 35.32
N ILE A 288 -36.40 -11.44 34.72
CA ILE A 288 -37.30 -12.43 35.34
C ILE A 288 -36.84 -12.94 36.73
N CYS A 289 -35.55 -12.89 37.01
CA CYS A 289 -34.98 -13.32 38.29
C CYS A 289 -34.59 -12.17 39.24
N SER A 290 -34.96 -10.94 38.92
CA SER A 290 -34.55 -9.79 39.75
C SER A 290 -35.39 -9.49 40.97
N ASN A 291 -36.60 -10.05 41.03
CA ASN A 291 -37.52 -9.81 42.13
C ASN A 291 -38.05 -8.36 42.07
N ALA A 292 -38.17 -7.84 40.85
CA ALA A 292 -38.65 -6.47 40.62
C ALA A 292 -40.14 -6.35 40.93
N ILE A 293 -40.86 -7.43 40.64
CA ILE A 293 -42.29 -7.52 40.89
C ILE A 293 -42.50 -8.88 41.53
N PRO A 294 -42.26 -8.96 42.84
CA PRO A 294 -42.38 -10.17 43.66
C PRO A 294 -43.62 -11.03 43.40
N GLU A 295 -44.72 -10.38 43.02
CA GLU A 295 -45.96 -11.09 42.77
C GLU A 295 -45.91 -12.02 41.54
N LEU A 296 -45.07 -11.70 40.55
CA LEU A 296 -44.97 -12.55 39.36
C LEU A 296 -44.03 -13.74 39.59
N ASN A 297 -43.36 -13.76 40.73
CA ASN A 297 -42.47 -14.87 41.04
C ASN A 297 -43.23 -16.20 41.10
N ASP A 298 -44.29 -16.26 41.90
CA ASP A 298 -45.08 -17.48 41.99
C ASP A 298 -45.83 -17.75 40.70
N VAL A 299 -46.03 -16.73 39.90
CA VAL A 299 -46.69 -16.89 38.61
C VAL A 299 -45.71 -17.57 37.63
N MET A 300 -44.40 -17.34 37.86
CA MET A 300 -43.36 -17.91 36.99
C MET A 300 -42.68 -19.09 37.65
N LEU A 301 -42.98 -19.32 38.92
CA LEU A 301 -42.39 -20.42 39.69
C LEU A 301 -40.88 -20.27 39.82
N VAL A 302 -40.39 -19.04 39.72
CA VAL A 302 -38.95 -18.78 39.83
C VAL A 302 -38.48 -18.27 41.19
N THR A 303 -37.25 -18.62 41.52
CA THR A 303 -36.61 -18.16 42.73
C THR A 303 -35.72 -17.04 42.19
N PRO A 304 -35.89 -15.82 42.71
CA PRO A 304 -35.12 -14.62 42.30
C PRO A 304 -33.62 -14.69 42.54
N ASP A 305 -32.94 -15.60 41.86
CA ASP A 305 -31.50 -15.76 41.98
C ASP A 305 -31.00 -16.30 40.64
N SER A 306 -30.58 -15.38 39.76
CA SER A 306 -30.13 -15.77 38.43
C SER A 306 -29.02 -16.82 38.41
N GLY A 307 -28.07 -16.70 39.32
CA GLY A 307 -26.98 -17.66 39.36
C GLY A 307 -27.41 -19.07 39.73
N LEU A 308 -28.71 -19.29 39.74
CA LEU A 308 -29.29 -20.56 40.10
C LEU A 308 -29.65 -21.39 38.87
N TYR A 309 -29.86 -20.74 37.73
CA TYR A 309 -30.23 -21.46 36.53
C TYR A 309 -29.06 -21.70 35.60
N SER A 310 -28.96 -22.92 35.12
CA SER A 310 -27.88 -23.35 34.24
C SER A 310 -27.92 -22.71 32.88
N PHE A 311 -29.13 -22.43 32.43
CA PHE A 311 -29.29 -21.81 31.13
C PHE A 311 -28.86 -20.33 31.10
N ILE A 312 -28.58 -19.69 32.24
CA ILE A 312 -28.12 -18.29 32.16
C ILE A 312 -26.94 -17.93 33.05
N ASN A 313 -26.50 -18.86 33.90
CA ASN A 313 -25.38 -18.59 34.80
C ASN A 313 -23.99 -19.05 34.31
N GLN A 314 -23.79 -19.19 33.00
CA GLN A 314 -22.50 -19.67 32.44
C GLN A 314 -21.44 -18.58 32.33
N GLY A 315 -21.80 -17.43 31.76
CA GLY A 315 -20.86 -16.33 31.68
C GLY A 315 -21.07 -15.56 32.97
N CYS A 316 -21.26 -14.24 32.89
CA CYS A 316 -21.49 -13.47 34.11
C CYS A 316 -22.98 -13.25 34.39
N LEU A 317 -23.28 -12.71 35.56
CA LEU A 317 -24.65 -12.46 35.98
C LEU A 317 -25.06 -10.99 35.89
N THR A 318 -24.19 -10.09 36.29
CA THR A 318 -24.54 -8.68 36.26
C THR A 318 -23.81 -7.91 35.19
N VAL A 319 -24.23 -6.67 34.97
CA VAL A 319 -23.59 -5.82 33.97
C VAL A 319 -23.49 -4.41 34.51
N ASP A 320 -22.28 -3.84 34.56
CA ASP A 320 -22.15 -2.45 35.02
C ASP A 320 -23.10 -1.66 34.15
N ASN A 321 -23.61 -0.56 34.65
CA ASN A 321 -24.50 0.30 33.87
C ASN A 321 -25.84 -0.36 33.46
N ILE A 322 -26.18 -1.49 34.06
CA ILE A 322 -27.46 -2.13 33.78
C ILE A 322 -28.14 -2.65 35.03
N ASP A 323 -29.27 -2.04 35.35
CA ASP A 323 -30.05 -2.40 36.52
C ASP A 323 -31.24 -3.24 36.05
N ASP A 324 -31.10 -4.56 36.18
CA ASP A 324 -32.14 -5.47 35.74
C ASP A 324 -33.46 -5.29 36.47
N VAL A 325 -33.38 -4.99 37.77
CA VAL A 325 -34.56 -4.73 38.58
C VAL A 325 -35.35 -3.60 37.93
N GLU A 326 -34.67 -2.48 37.69
CA GLU A 326 -35.30 -1.32 37.09
C GLU A 326 -35.80 -1.58 35.66
N GLU A 327 -35.03 -2.28 34.86
CA GLU A 327 -35.46 -2.53 33.49
C GLU A 327 -36.65 -3.50 33.44
N PHE A 328 -36.81 -4.37 34.45
CA PHE A 328 -37.96 -5.27 34.44
C PHE A 328 -39.22 -4.44 34.59
N LYS A 329 -39.19 -3.50 35.51
CA LYS A 329 -40.35 -2.64 35.72
C LYS A 329 -40.66 -1.90 34.43
N LEU A 330 -39.61 -1.55 33.69
CA LEU A 330 -39.79 -0.84 32.43
C LEU A 330 -40.33 -1.76 31.33
N CYS A 331 -39.80 -2.98 31.25
CA CYS A 331 -40.29 -3.94 30.25
C CYS A 331 -41.77 -4.21 30.56
N ASP A 332 -42.06 -4.48 31.85
CA ASP A 332 -43.43 -4.74 32.32
C ASP A 332 -44.38 -3.63 31.87
N GLU A 333 -44.04 -2.38 32.17
CA GLU A 333 -44.92 -1.28 31.79
C GLU A 333 -44.96 -1.07 30.26
N ALA A 334 -43.90 -1.44 29.55
CA ALA A 334 -43.94 -1.24 28.10
C ALA A 334 -45.02 -2.13 27.49
N PHE A 335 -45.19 -3.34 28.03
CA PHE A 335 -46.22 -4.23 27.52
C PHE A 335 -47.60 -3.61 27.75
N ASP A 336 -47.74 -2.87 28.86
CA ASP A 336 -49.03 -2.24 29.14
C ASP A 336 -49.38 -1.20 28.08
N ILE A 337 -48.40 -0.36 27.73
CA ILE A 337 -48.60 0.69 26.73
C ILE A 337 -48.78 0.15 25.31
N LEU A 338 -48.17 -1.02 25.02
CA LEU A 338 -48.31 -1.64 23.71
C LEU A 338 -49.69 -2.32 23.67
N GLY A 339 -50.38 -2.30 24.82
CA GLY A 339 -51.71 -2.86 24.91
C GLY A 339 -51.83 -4.38 24.97
N PHE A 340 -50.95 -5.02 25.73
CA PHE A 340 -50.96 -6.45 25.92
C PHE A 340 -51.87 -6.71 27.11
N THR A 341 -52.73 -7.71 27.02
CA THR A 341 -53.63 -8.03 28.13
C THR A 341 -52.77 -8.56 29.26
N LYS A 342 -53.37 -8.77 30.42
CA LYS A 342 -52.65 -9.31 31.56
C LYS A 342 -52.28 -10.74 31.20
N GLU A 343 -53.15 -11.40 30.44
CA GLU A 343 -52.95 -12.79 30.00
C GLU A 343 -51.78 -12.92 29.03
N GLU A 344 -51.86 -12.21 27.91
CA GLU A 344 -50.81 -12.26 26.90
C GLU A 344 -49.47 -11.99 27.52
N LYS A 345 -49.45 -10.99 28.40
CA LYS A 345 -48.24 -10.59 29.06
C LYS A 345 -47.69 -11.67 29.97
N GLN A 346 -48.54 -12.23 30.78
CA GLN A 346 -48.11 -13.27 31.69
C GLN A 346 -47.73 -14.54 30.93
N SER A 347 -48.38 -14.79 29.80
CA SER A 347 -48.02 -15.97 29.01
C SER A 347 -46.58 -15.75 28.51
N MET A 348 -46.24 -14.51 28.19
CA MET A 348 -44.87 -14.20 27.75
C MET A 348 -43.87 -14.51 28.86
N PHE A 349 -44.11 -13.97 30.05
CA PHE A 349 -43.19 -14.21 31.14
C PHE A 349 -43.20 -15.66 31.58
N LYS A 350 -44.33 -16.33 31.40
CA LYS A 350 -44.43 -17.73 31.79
C LYS A 350 -43.57 -18.63 30.92
N CYS A 351 -43.70 -18.48 29.60
CA CYS A 351 -42.91 -19.27 28.67
C CYS A 351 -41.41 -19.04 28.87
N THR A 352 -41.03 -17.78 29.11
CA THR A 352 -39.63 -17.42 29.32
C THR A 352 -39.13 -18.10 30.56
N ALA A 353 -40.00 -18.19 31.55
CA ALA A 353 -39.61 -18.84 32.80
C ALA A 353 -39.52 -20.38 32.63
N SER A 354 -40.29 -20.95 31.71
CA SER A 354 -40.22 -22.41 31.50
C SER A 354 -38.82 -22.78 31.03
N ILE A 355 -38.27 -21.99 30.10
CA ILE A 355 -36.91 -22.22 29.60
C ILE A 355 -35.91 -22.30 30.75
N LEU A 356 -36.06 -21.41 31.73
CA LEU A 356 -35.18 -21.38 32.88
C LEU A 356 -35.29 -22.71 33.66
N HIS A 357 -36.48 -23.32 33.68
CA HIS A 357 -36.67 -24.59 34.39
C HIS A 357 -36.22 -25.79 33.58
N MET A 358 -36.44 -25.72 32.27
CA MET A 358 -36.01 -26.81 31.40
C MET A 358 -34.54 -27.13 31.62
N GLY A 359 -33.73 -26.09 31.81
CA GLY A 359 -32.31 -26.29 31.99
C GLY A 359 -31.94 -26.91 33.32
N GLU A 360 -32.95 -27.19 34.15
CA GLU A 360 -32.69 -27.77 35.46
C GLU A 360 -33.02 -29.26 35.56
N MET A 361 -33.77 -29.76 34.58
CA MET A 361 -34.17 -31.17 34.56
C MET A 361 -32.96 -32.12 34.53
N LYS A 362 -32.66 -32.72 35.67
CA LYS A 362 -31.53 -33.66 35.76
C LYS A 362 -31.84 -35.01 35.11
N PHE A 363 -30.78 -35.77 34.82
CA PHE A 363 -30.93 -37.09 34.22
C PHE A 363 -29.85 -38.07 34.68
N LYS A 364 -30.22 -39.36 34.69
CA LYS A 364 -29.32 -40.42 35.12
C LYS A 364 -28.92 -41.36 34.00
N GLN A 365 -27.75 -41.98 34.18
CA GLN A 365 -27.14 -42.94 33.24
C GLN A 365 -28.13 -43.54 32.24
N GLU A 370 -27.23 -47.31 28.49
CA GLU A 370 -27.90 -47.28 27.20
C GLU A 370 -28.95 -46.16 27.15
N GLN A 371 -30.14 -46.46 27.67
CA GLN A 371 -31.27 -45.54 27.72
C GLN A 371 -31.15 -44.61 28.94
N ALA A 372 -31.80 -43.45 28.88
CA ALA A 372 -31.76 -42.48 29.97
C ALA A 372 -33.02 -42.44 30.81
N GLU A 373 -32.91 -41.82 31.97
CA GLU A 373 -34.03 -41.68 32.92
C GLU A 373 -33.95 -40.37 33.70
N SER A 374 -35.10 -39.93 34.23
CA SER A 374 -35.18 -38.71 35.02
C SER A 374 -34.57 -38.93 36.39
N ASP A 375 -33.78 -37.97 36.86
CA ASP A 375 -33.16 -38.09 38.19
C ASP A 375 -34.08 -37.45 39.22
N GLY A 376 -35.27 -37.08 38.76
CA GLY A 376 -36.26 -36.46 39.61
C GLY A 376 -37.33 -35.93 38.69
N THR A 377 -38.28 -35.18 39.21
CA THR A 377 -39.34 -34.65 38.36
C THR A 377 -39.81 -33.26 38.76
N ALA A 378 -39.35 -32.77 39.90
CA ALA A 378 -39.72 -31.44 40.39
C ALA A 378 -39.64 -30.41 39.25
N GLU A 379 -38.51 -30.38 38.54
CA GLU A 379 -38.28 -29.47 37.44
C GLU A 379 -39.29 -29.61 36.31
N ALA A 380 -39.40 -30.82 35.76
CA ALA A 380 -40.32 -31.06 34.66
C ALA A 380 -41.75 -30.70 35.01
N GLU A 381 -42.13 -30.82 36.28
CA GLU A 381 -43.48 -30.45 36.68
C GLU A 381 -43.63 -28.93 36.51
N LYS A 382 -42.56 -28.19 36.80
CA LYS A 382 -42.59 -26.73 36.62
C LYS A 382 -42.77 -26.41 35.14
N VAL A 383 -41.93 -27.01 34.30
CA VAL A 383 -42.03 -26.80 32.86
C VAL A 383 -43.42 -27.10 32.37
N ALA A 384 -43.86 -28.32 32.62
CA ALA A 384 -45.19 -28.74 32.19
C ALA A 384 -46.32 -27.86 32.76
N PHE A 385 -46.21 -27.48 34.02
CA PHE A 385 -47.24 -26.63 34.61
C PHE A 385 -47.31 -25.28 33.88
N LEU A 386 -46.16 -24.65 33.65
CA LEU A 386 -46.11 -23.36 32.95
C LEU A 386 -46.51 -23.50 31.50
N CYS A 387 -46.24 -24.65 30.89
CA CYS A 387 -46.61 -24.84 29.48
C CYS A 387 -47.98 -25.41 29.24
N GLY A 388 -48.72 -25.69 30.33
CA GLY A 388 -50.06 -26.22 30.18
C GLY A 388 -50.15 -27.63 29.59
N ILE A 389 -49.34 -28.55 30.10
CA ILE A 389 -49.36 -29.95 29.64
C ILE A 389 -48.95 -30.85 30.81
N ASN A 390 -49.28 -32.14 30.72
CA ASN A 390 -48.94 -33.07 31.81
C ASN A 390 -47.45 -33.40 31.82
N ALA A 391 -46.84 -33.34 33.00
CA ALA A 391 -45.42 -33.63 33.14
C ALA A 391 -45.04 -35.03 32.67
N GLY A 392 -45.79 -36.04 33.10
CA GLY A 392 -45.50 -37.41 32.70
C GLY A 392 -45.52 -37.57 31.20
N ASP A 393 -46.46 -36.89 30.54
CA ASP A 393 -46.54 -36.96 29.08
C ASP A 393 -45.22 -36.44 28.53
N LEU A 394 -44.82 -35.28 29.06
CA LEU A 394 -43.61 -34.60 28.65
C LEU A 394 -42.40 -35.48 28.87
N LEU A 395 -42.20 -35.87 30.12
CA LEU A 395 -41.07 -36.72 30.45
C LEU A 395 -40.96 -37.92 29.52
N LYS A 396 -42.11 -38.48 29.14
CA LYS A 396 -42.13 -39.62 28.25
C LYS A 396 -41.67 -39.26 26.84
N ALA A 397 -42.37 -38.30 26.23
CA ALA A 397 -42.06 -37.84 24.88
C ALA A 397 -40.64 -37.28 24.75
N LEU A 398 -39.92 -37.24 25.86
CA LEU A 398 -38.56 -36.71 25.89
C LEU A 398 -37.54 -37.86 25.93
N LEU A 399 -37.75 -38.82 26.82
CA LEU A 399 -36.87 -39.97 26.95
C LEU A 399 -37.12 -41.07 25.90
N LYS A 400 -38.33 -41.14 25.38
CA LYS A 400 -38.68 -42.13 24.37
C LYS A 400 -39.77 -41.56 23.46
N PRO A 401 -39.38 -40.83 22.41
CA PRO A 401 -40.32 -40.22 21.46
C PRO A 401 -41.19 -41.23 20.70
N LYS A 402 -42.41 -40.83 20.37
CA LYS A 402 -43.34 -41.67 19.63
C LYS A 402 -43.70 -40.90 18.37
N VAL A 403 -42.98 -41.18 17.30
CA VAL A 403 -43.17 -40.48 16.03
C VAL A 403 -44.23 -41.05 15.08
N LYS A 404 -44.06 -40.77 13.80
CA LYS A 404 -44.97 -41.20 12.75
C LYS A 404 -44.26 -41.11 11.40
N MET A 409 -47.68 -45.44 16.41
CA MET A 409 -46.49 -44.60 16.33
C MET A 409 -45.20 -45.44 16.23
N VAL A 410 -44.06 -44.77 16.32
CA VAL A 410 -42.76 -45.43 16.23
C VAL A 410 -41.87 -44.96 17.39
N THR A 411 -41.87 -45.72 18.49
CA THR A 411 -41.09 -45.38 19.68
C THR A 411 -39.57 -45.47 19.53
N LYS A 412 -38.89 -44.36 19.79
CA LYS A 412 -37.43 -44.29 19.71
C LYS A 412 -36.81 -44.33 21.10
N GLY A 413 -35.52 -44.65 21.16
CA GLY A 413 -34.83 -44.72 22.43
C GLY A 413 -33.69 -43.73 22.50
N GLN A 414 -33.88 -42.67 23.27
CA GLN A 414 -32.86 -41.64 23.41
C GLN A 414 -31.94 -41.97 24.58
N ASN A 415 -30.68 -41.58 24.44
CA ASN A 415 -29.70 -41.80 25.48
C ASN A 415 -29.49 -40.48 26.22
N MET A 416 -28.63 -40.49 27.23
CA MET A 416 -28.35 -39.31 28.03
C MET A 416 -28.23 -38.01 27.22
N ASN A 417 -27.21 -37.93 26.37
CA ASN A 417 -26.95 -36.76 25.55
C ASN A 417 -28.10 -36.38 24.64
N GLN A 418 -28.57 -37.33 23.85
CA GLN A 418 -29.67 -37.06 22.93
C GLN A 418 -30.79 -36.34 23.64
N VAL A 419 -30.96 -36.64 24.92
CA VAL A 419 -32.01 -36.04 25.73
C VAL A 419 -31.64 -34.62 26.18
N VAL A 420 -30.44 -34.46 26.73
CA VAL A 420 -30.00 -33.14 27.19
C VAL A 420 -29.79 -32.18 26.02
N ASN A 421 -29.81 -32.72 24.80
CA ASN A 421 -29.66 -31.93 23.58
C ASN A 421 -31.07 -31.66 23.10
N SER A 422 -31.98 -32.51 23.53
CA SER A 422 -33.37 -32.39 23.13
C SER A 422 -34.02 -31.31 23.99
N VAL A 423 -33.54 -31.16 25.21
CA VAL A 423 -34.10 -30.14 26.09
C VAL A 423 -33.60 -28.78 25.62
N GLY A 424 -32.33 -28.74 25.24
CA GLY A 424 -31.72 -27.52 24.75
C GLY A 424 -32.41 -27.03 23.48
N ALA A 425 -32.80 -27.96 22.62
CA ALA A 425 -33.47 -27.61 21.36
C ALA A 425 -34.91 -27.16 21.57
N LEU A 426 -35.54 -27.62 22.63
CA LEU A 426 -36.92 -27.24 22.90
C LEU A 426 -36.87 -25.79 23.40
N ALA A 427 -35.93 -25.53 24.30
CA ALA A 427 -35.75 -24.18 24.83
C ALA A 427 -35.55 -23.18 23.65
N LYS A 428 -34.63 -23.47 22.75
CA LYS A 428 -34.36 -22.59 21.63
C LYS A 428 -35.49 -22.45 20.65
N SER A 429 -36.21 -23.51 20.40
CA SER A 429 -37.31 -23.46 19.45
C SER A 429 -38.44 -22.64 20.09
N LEU A 430 -38.55 -22.74 21.41
CA LEU A 430 -39.61 -22.02 22.12
C LEU A 430 -39.30 -20.51 22.07
N TYR A 431 -38.11 -20.18 22.53
CA TYR A 431 -37.67 -18.80 22.56
C TYR A 431 -37.84 -18.16 21.18
N ASP A 432 -37.38 -18.87 20.15
CA ASP A 432 -37.45 -18.36 18.81
C ASP A 432 -38.88 -18.16 18.32
N ARG A 433 -39.76 -19.13 18.55
CA ARG A 433 -41.14 -18.97 18.11
C ARG A 433 -41.77 -17.80 18.87
N MET A 434 -41.36 -17.61 20.12
CA MET A 434 -41.88 -16.55 20.95
C MET A 434 -41.48 -15.14 20.50
N PHE A 435 -40.19 -14.95 20.15
CA PHE A 435 -39.71 -13.66 19.68
C PHE A 435 -40.47 -13.28 18.40
N ASN A 436 -40.65 -14.23 17.47
CA ASN A 436 -41.39 -13.94 16.25
C ASN A 436 -42.84 -13.62 16.58
N TRP A 437 -43.39 -14.29 17.59
CA TRP A 437 -44.76 -14.00 17.97
C TRP A 437 -44.79 -12.56 18.51
N LEU A 438 -43.83 -12.25 19.38
CA LEU A 438 -43.74 -10.89 19.97
C LEU A 438 -43.73 -9.80 18.90
N VAL A 439 -42.86 -9.96 17.91
CA VAL A 439 -42.73 -9.01 16.80
C VAL A 439 -44.02 -8.81 16.01
N ARG A 440 -44.77 -9.89 15.76
CA ARG A 440 -46.05 -9.84 15.05
C ARG A 440 -47.09 -9.22 15.96
N ARG A 441 -47.00 -9.47 17.25
CA ARG A 441 -47.98 -8.91 18.18
C ARG A 441 -47.77 -7.38 18.25
N VAL A 442 -46.52 -6.97 18.35
CA VAL A 442 -46.20 -5.55 18.38
C VAL A 442 -46.63 -4.91 17.06
N ASN A 443 -46.52 -5.64 15.95
CA ASN A 443 -46.94 -5.06 14.68
C ASN A 443 -48.47 -4.92 14.62
N LYS A 444 -49.20 -5.82 15.25
CA LYS A 444 -50.65 -5.70 15.25
C LYS A 444 -51.03 -4.36 15.88
N THR A 445 -50.38 -4.04 17.00
CA THR A 445 -50.63 -2.79 17.72
C THR A 445 -50.30 -1.55 16.86
N LEU A 446 -49.16 -1.60 16.16
CA LEU A 446 -48.71 -0.48 15.34
C LEU A 446 -49.39 -0.33 13.98
N ASP A 447 -50.10 -1.36 13.54
CA ASP A 447 -50.79 -1.30 12.25
C ASP A 447 -52.16 -0.65 12.33
N THR A 448 -52.21 0.62 12.69
CA THR A 448 -53.49 1.30 12.72
C THR A 448 -53.83 1.28 11.25
N LYS A 449 -55.09 1.15 10.89
CA LYS A 449 -55.42 1.09 9.47
C LYS A 449 -55.57 2.49 8.86
N ALA A 450 -54.73 3.42 9.30
CA ALA A 450 -54.80 4.79 8.82
C ALA A 450 -54.28 4.95 7.41
N LYS A 451 -54.79 5.96 6.71
CA LYS A 451 -54.34 6.21 5.34
C LYS A 451 -52.88 6.67 5.41
N ARG A 452 -52.08 6.21 4.47
CA ARG A 452 -50.67 6.54 4.42
C ARG A 452 -50.20 6.85 3.02
N ASN A 453 -49.05 7.49 2.92
CA ASN A 453 -48.48 7.86 1.63
C ASN A 453 -47.09 7.34 1.36
N TYR A 454 -46.15 7.69 2.23
CA TYR A 454 -44.76 7.31 2.07
C TYR A 454 -44.21 6.97 3.43
N TYR A 455 -43.00 6.42 3.48
CA TYR A 455 -42.44 6.04 4.75
C TYR A 455 -40.97 6.36 4.83
N ILE A 456 -40.44 6.20 6.04
CA ILE A 456 -39.04 6.43 6.31
C ILE A 456 -38.67 5.17 7.05
N GLY A 457 -37.73 4.43 6.51
CA GLY A 457 -37.32 3.20 7.13
C GLY A 457 -35.93 3.34 7.69
N VAL A 458 -35.74 2.90 8.93
CA VAL A 458 -34.45 3.00 9.57
C VAL A 458 -33.98 1.56 9.74
N LEU A 459 -32.80 1.29 9.24
CA LEU A 459 -32.24 -0.05 9.28
C LEU A 459 -31.02 -0.17 10.18
N ASP A 460 -31.02 -1.17 11.04
CA ASP A 460 -29.91 -1.40 11.96
C ASP A 460 -29.58 -2.89 12.04
N ILE A 461 -28.63 -3.35 11.24
CA ILE A 461 -28.21 -4.75 11.28
C ILE A 461 -26.73 -4.83 11.54
N ALA A 462 -26.22 -6.01 11.89
CA ALA A 462 -24.79 -6.14 12.18
C ALA A 462 -24.01 -6.06 10.89
N GLY A 463 -22.81 -5.52 10.96
CA GLY A 463 -22.02 -5.44 9.75
C GLY A 463 -21.22 -6.70 9.51
N PHE A 464 -20.42 -6.67 8.46
CA PHE A 464 -19.57 -7.78 8.09
C PHE A 464 -18.66 -8.13 9.26
N GLU A 465 -18.27 -9.39 9.39
CA GLU A 465 -17.39 -9.78 10.47
C GLU A 465 -16.60 -11.07 10.22
N ILE A 466 -15.33 -11.05 10.62
CA ILE A 466 -14.44 -12.19 10.46
C ILE A 466 -13.86 -12.56 11.82
N PHE A 467 -14.31 -13.68 12.37
CA PHE A 467 -13.84 -14.13 13.67
C PHE A 467 -12.87 -15.28 13.50
N ASP A 468 -12.24 -15.71 14.59
CA ASP A 468 -11.32 -16.84 14.56
C ASP A 468 -12.10 -18.06 14.09
N PHE A 469 -13.36 -18.15 14.54
CA PHE A 469 -14.24 -19.25 14.15
C PHE A 469 -15.53 -18.69 13.52
N ASN A 470 -15.78 -19.07 12.26
CA ASN A 470 -16.97 -18.60 11.53
C ASN A 470 -17.85 -19.80 11.18
N SER A 471 -19.15 -19.65 11.40
CA SER A 471 -20.10 -20.71 11.17
C SER A 471 -21.34 -20.20 10.43
N PHE A 472 -22.45 -20.94 10.56
CA PHE A 472 -23.68 -20.58 9.86
C PHE A 472 -24.12 -19.14 10.08
N GLU A 473 -24.22 -18.75 11.35
CA GLU A 473 -24.65 -17.43 11.74
C GLU A 473 -23.85 -16.34 11.03
N GLN A 474 -22.53 -16.53 10.93
CA GLN A 474 -21.70 -15.55 10.25
C GLN A 474 -22.00 -15.52 8.76
N LEU A 475 -22.26 -16.68 8.16
CA LEU A 475 -22.53 -16.72 6.72
C LEU A 475 -23.81 -15.96 6.40
N CYS A 476 -24.80 -16.07 7.28
CA CYS A 476 -26.09 -15.38 7.11
C CYS A 476 -25.93 -13.86 7.26
N ILE A 477 -25.19 -13.43 8.29
CA ILE A 477 -24.94 -12.00 8.51
C ILE A 477 -24.18 -11.45 7.31
N ASN A 478 -23.07 -12.08 6.95
CA ASN A 478 -22.25 -11.59 5.85
C ASN A 478 -22.99 -11.53 4.54
N TYR A 479 -23.78 -12.57 4.27
CA TYR A 479 -24.57 -12.60 3.06
C TYR A 479 -25.53 -11.40 3.03
N THR A 480 -26.15 -11.06 4.16
CA THR A 480 -27.04 -9.90 4.22
C THR A 480 -26.25 -8.62 3.87
N ASN A 481 -25.02 -8.51 4.37
CA ASN A 481 -24.18 -7.35 4.10
C ASN A 481 -23.72 -7.28 2.64
N GLU A 482 -23.51 -8.44 2.02
CA GLU A 482 -23.09 -8.47 0.61
C GLU A 482 -24.22 -7.89 -0.27
N ARG A 483 -25.49 -8.20 0.02
CA ARG A 483 -26.60 -7.62 -0.74
C ARG A 483 -26.68 -6.11 -0.38
N LEU A 484 -26.41 -5.76 0.88
CA LEU A 484 -26.45 -4.34 1.32
C LEU A 484 -25.37 -3.52 0.63
N GLN A 485 -24.13 -4.00 0.66
CA GLN A 485 -23.02 -3.31 -0.01
C GLN A 485 -23.39 -3.02 -1.47
N GLN A 486 -24.00 -4.00 -2.12
CA GLN A 486 -24.41 -3.82 -3.50
C GLN A 486 -25.39 -2.65 -3.63
N PHE A 487 -26.28 -2.52 -2.66
CA PHE A 487 -27.26 -1.43 -2.66
C PHE A 487 -26.45 -0.13 -2.55
N PHE A 488 -25.56 -0.05 -1.55
CA PHE A 488 -24.74 1.12 -1.36
C PHE A 488 -23.90 1.43 -2.60
N ASN A 489 -23.44 0.39 -3.31
CA ASN A 489 -22.65 0.59 -4.52
C ASN A 489 -23.50 1.11 -5.67
N HIS A 490 -24.77 0.72 -5.67
CA HIS A 490 -25.69 1.17 -6.70
C HIS A 490 -25.86 2.69 -6.55
N HIS A 491 -26.09 3.16 -5.32
CA HIS A 491 -26.25 4.58 -5.08
C HIS A 491 -24.96 5.38 -5.23
N MET A 492 -23.82 4.71 -5.17
CA MET A 492 -22.53 5.40 -5.35
C MET A 492 -22.30 5.63 -6.84
N PHE A 493 -22.77 4.69 -7.66
CA PHE A 493 -22.64 4.80 -9.10
C PHE A 493 -23.45 6.00 -9.58
N ILE A 494 -24.59 6.26 -8.93
CA ILE A 494 -25.43 7.41 -9.29
C ILE A 494 -24.70 8.70 -8.91
N LEU A 495 -23.94 8.68 -7.81
CA LEU A 495 -23.20 9.87 -7.41
C LEU A 495 -22.05 10.05 -8.38
N GLU A 496 -21.67 8.93 -8.97
CA GLU A 496 -20.59 8.86 -9.94
C GLU A 496 -21.06 9.48 -11.25
N GLN A 497 -22.20 9.02 -11.74
CA GLN A 497 -22.77 9.51 -12.98
C GLN A 497 -23.17 10.98 -12.97
N GLU A 498 -23.38 11.56 -11.80
CA GLU A 498 -23.73 12.97 -11.76
C GLU A 498 -22.48 13.84 -11.65
N GLU A 499 -21.36 13.24 -11.28
CA GLU A 499 -20.11 14.00 -11.18
C GLU A 499 -19.62 14.11 -12.62
N TYR A 500 -19.87 13.08 -13.41
CA TYR A 500 -19.47 13.07 -14.79
C TYR A 500 -20.06 14.28 -15.51
N LYS A 501 -21.38 14.34 -15.55
CA LYS A 501 -22.08 15.44 -16.20
C LYS A 501 -21.63 16.82 -15.72
N LYS A 502 -21.32 16.92 -14.43
CA LYS A 502 -20.88 18.18 -13.84
C LYS A 502 -19.48 18.52 -14.40
N GLU A 503 -18.80 17.53 -14.95
CA GLU A 503 -17.48 17.71 -15.55
C GLU A 503 -17.64 17.61 -17.07
N GLY A 504 -18.88 17.42 -17.50
CA GLY A 504 -19.20 17.34 -18.91
C GLY A 504 -18.69 16.15 -19.71
N ILE A 505 -18.64 14.97 -19.08
CA ILE A 505 -18.16 13.78 -19.77
C ILE A 505 -19.19 12.67 -19.74
N ALA A 506 -18.87 11.55 -20.36
CA ALA A 506 -19.80 10.43 -20.37
C ALA A 506 -19.10 9.09 -20.52
N TRP A 507 -19.34 8.19 -19.59
CA TRP A 507 -18.73 6.86 -19.66
C TRP A 507 -19.75 5.86 -20.16
N GLU A 508 -19.92 5.85 -21.47
CA GLU A 508 -20.87 4.96 -22.15
C GLU A 508 -20.92 3.53 -21.62
N PHE A 509 -19.78 2.84 -21.61
CA PHE A 509 -19.74 1.46 -21.14
C PHE A 509 -18.79 1.27 -19.96
N ILE A 510 -19.30 0.70 -18.88
CA ILE A 510 -18.50 0.45 -17.68
C ILE A 510 -18.49 -1.02 -17.29
N ASP A 511 -17.97 -1.32 -16.10
CA ASP A 511 -17.90 -2.67 -15.58
C ASP A 511 -17.51 -2.57 -14.11
N PHE A 512 -18.51 -2.53 -13.22
CA PHE A 512 -18.21 -2.36 -11.80
C PHE A 512 -18.65 -3.43 -10.79
N GLY A 513 -19.78 -4.10 -11.02
CA GLY A 513 -20.23 -5.08 -10.04
C GLY A 513 -20.51 -6.53 -10.39
N MET A 514 -19.57 -7.21 -11.04
CA MET A 514 -19.76 -8.62 -11.38
C MET A 514 -19.33 -9.57 -10.25
N ASP A 515 -18.24 -9.24 -9.56
CA ASP A 515 -17.73 -10.06 -8.45
C ASP A 515 -18.68 -10.03 -7.26
N LEU A 516 -19.26 -8.89 -7.00
CA LEU A 516 -20.19 -8.76 -5.89
C LEU A 516 -21.40 -9.64 -6.16
N GLN A 517 -21.95 -9.52 -7.36
CA GLN A 517 -23.12 -10.33 -7.72
C GLN A 517 -22.74 -11.80 -7.77
N MET A 518 -21.51 -12.06 -8.18
CA MET A 518 -20.99 -13.42 -8.28
C MET A 518 -20.92 -14.10 -6.90
N CYS A 519 -20.48 -13.37 -5.90
CA CYS A 519 -20.40 -13.92 -4.55
C CYS A 519 -21.83 -14.14 -4.02
N ILE A 520 -22.73 -13.22 -4.34
CA ILE A 520 -24.14 -13.32 -3.93
C ILE A 520 -24.83 -14.53 -4.56
N ASP A 521 -24.54 -14.77 -5.84
CA ASP A 521 -25.15 -15.86 -6.57
C ASP A 521 -24.67 -17.22 -6.03
N LEU A 522 -23.40 -17.28 -5.66
CA LEU A 522 -22.79 -18.48 -5.12
C LEU A 522 -23.55 -18.88 -3.86
N ILE A 523 -24.09 -17.89 -3.18
CA ILE A 523 -24.80 -18.12 -1.93
C ILE A 523 -26.30 -18.34 -2.07
N GLU A 524 -26.98 -17.50 -2.84
CA GLU A 524 -28.44 -17.62 -2.95
C GLU A 524 -29.09 -18.29 -4.16
N LYS A 525 -28.35 -18.52 -5.24
CA LYS A 525 -28.92 -19.18 -6.43
C LYS A 525 -29.36 -20.62 -6.11
N PRO A 526 -30.17 -21.22 -7.05
CA PRO A 526 -30.67 -22.64 -6.90
C PRO A 526 -29.66 -23.79 -6.89
N MET A 527 -28.36 -23.50 -6.81
CA MET A 527 -27.32 -24.52 -6.72
C MET A 527 -26.30 -23.88 -5.76
N GLY A 528 -26.74 -22.76 -5.17
CA GLY A 528 -25.91 -22.01 -4.22
C GLY A 528 -25.64 -22.72 -2.91
N ILE A 529 -24.87 -22.07 -2.05
CA ILE A 529 -24.53 -22.64 -0.76
C ILE A 529 -25.74 -22.86 0.14
N LEU A 530 -26.69 -21.92 0.12
CA LEU A 530 -27.87 -22.04 0.97
C LEU A 530 -28.84 -23.09 0.48
N SER A 531 -29.02 -23.19 -0.83
CA SER A 531 -29.95 -24.16 -1.41
C SER A 531 -29.44 -25.58 -1.24
N ILE A 532 -28.12 -25.78 -1.32
CA ILE A 532 -27.56 -27.11 -1.14
C ILE A 532 -27.85 -27.51 0.29
N LEU A 533 -27.82 -26.54 1.19
CA LEU A 533 -28.10 -26.80 2.60
C LEU A 533 -29.60 -27.07 2.82
N GLU A 534 -30.46 -26.31 2.17
CA GLU A 534 -31.90 -26.48 2.32
C GLU A 534 -32.39 -27.84 1.81
N GLU A 535 -31.77 -28.34 0.75
CA GLU A 535 -32.18 -29.63 0.19
C GLU A 535 -31.68 -30.73 1.11
N GLU A 536 -30.47 -30.56 1.62
CA GLU A 536 -29.87 -31.54 2.50
C GLU A 536 -30.57 -31.64 3.86
N CYS A 537 -31.11 -30.53 4.36
CA CYS A 537 -31.77 -30.53 5.66
C CYS A 537 -33.09 -31.31 5.70
N MET A 538 -33.60 -31.68 4.53
CA MET A 538 -34.85 -32.41 4.42
C MET A 538 -34.63 -33.89 4.12
N PHE A 539 -33.51 -34.42 4.61
CA PHE A 539 -33.14 -35.83 4.44
C PHE A 539 -32.64 -36.33 5.78
N PRO A 540 -33.45 -37.16 6.46
CA PRO A 540 -33.12 -37.73 7.77
C PRO A 540 -31.76 -38.42 7.94
N LYS A 541 -31.19 -38.93 6.85
CA LYS A 541 -29.91 -39.64 6.93
C LYS A 541 -28.64 -38.79 6.78
N ALA A 542 -28.77 -37.61 6.17
CA ALA A 542 -27.62 -36.72 5.92
C ALA A 542 -26.90 -36.21 7.16
N ASP A 543 -25.64 -35.82 6.99
CA ASP A 543 -24.84 -35.29 8.10
C ASP A 543 -23.79 -34.27 7.62
N ASP A 544 -22.89 -33.86 8.50
CA ASP A 544 -21.88 -32.87 8.11
C ASP A 544 -21.14 -33.23 6.82
N LYS A 545 -20.46 -34.37 6.82
CA LYS A 545 -19.71 -34.81 5.65
C LYS A 545 -20.58 -34.91 4.40
N SER A 546 -21.80 -35.40 4.56
CA SER A 546 -22.72 -35.54 3.46
C SER A 546 -22.91 -34.19 2.79
N PHE A 547 -22.99 -33.14 3.63
CA PHE A 547 -23.20 -31.76 3.19
C PHE A 547 -21.91 -31.21 2.60
N GLN A 548 -20.79 -31.62 3.18
CA GLN A 548 -19.51 -31.16 2.72
C GLN A 548 -19.22 -31.64 1.29
N ASP A 549 -19.76 -32.79 0.93
CA ASP A 549 -19.54 -33.36 -0.39
C ASP A 549 -20.34 -32.69 -1.49
N LYS A 550 -21.56 -32.29 -1.19
CA LYS A 550 -22.37 -31.63 -2.20
C LYS A 550 -21.80 -30.23 -2.44
N LEU A 551 -21.43 -29.54 -1.37
CA LEU A 551 -20.86 -28.22 -1.51
C LEU A 551 -19.60 -28.29 -2.35
N TYR A 552 -18.77 -29.29 -2.06
CA TYR A 552 -17.55 -29.45 -2.83
C TYR A 552 -17.77 -29.79 -4.30
N GLN A 553 -18.61 -30.78 -4.56
CA GLN A 553 -18.88 -31.19 -5.93
C GLN A 553 -19.48 -30.09 -6.80
N ASN A 554 -20.22 -29.18 -6.17
CA ASN A 554 -20.85 -28.07 -6.88
C ASN A 554 -20.00 -26.81 -6.98
N HIS A 555 -19.01 -26.64 -6.11
CA HIS A 555 -18.26 -25.39 -6.16
C HIS A 555 -16.74 -25.43 -6.06
N MET A 556 -16.18 -26.46 -5.44
CA MET A 556 -14.74 -26.49 -5.30
C MET A 556 -14.11 -26.66 -6.68
N GLY A 557 -13.18 -25.78 -7.03
CA GLY A 557 -12.53 -25.84 -8.34
C GLY A 557 -13.42 -25.41 -9.51
N LYS A 558 -14.65 -24.98 -9.22
CA LYS A 558 -15.58 -24.55 -10.24
C LYS A 558 -15.95 -23.07 -10.07
N ASN A 559 -15.37 -22.41 -9.07
CA ASN A 559 -15.67 -21.00 -8.82
C ASN A 559 -14.54 -20.35 -8.05
N ARG A 560 -14.14 -19.15 -8.45
CA ARG A 560 -13.04 -18.50 -7.74
C ARG A 560 -13.41 -17.85 -6.42
N MET A 561 -14.70 -17.70 -6.14
CA MET A 561 -15.12 -17.11 -4.87
C MET A 561 -15.14 -18.20 -3.79
N PHE A 562 -15.31 -19.46 -4.23
CA PHE A 562 -15.33 -20.59 -3.31
C PHE A 562 -13.93 -21.21 -3.28
N THR A 563 -13.25 -21.07 -2.14
CA THR A 563 -11.87 -21.56 -1.99
C THR A 563 -11.62 -22.60 -0.90
N LYS A 564 -10.44 -23.21 -0.92
CA LYS A 564 -10.02 -24.18 0.09
C LYS A 564 -9.26 -23.36 1.12
N PRO A 565 -9.49 -23.60 2.42
CA PRO A 565 -8.80 -22.84 3.47
C PRO A 565 -7.28 -22.79 3.36
N GLY A 566 -6.72 -21.57 3.40
CA GLY A 566 -5.28 -21.39 3.31
C GLY A 566 -4.58 -21.47 4.66
N LYS A 567 -3.56 -20.64 4.86
CA LYS A 567 -2.79 -20.63 6.11
C LYS A 567 -3.47 -19.67 7.10
N PRO A 568 -3.46 -20.00 8.40
CA PRO A 568 -4.09 -19.13 9.39
C PRO A 568 -3.68 -17.67 9.25
N THR A 569 -4.68 -16.79 9.24
CA THR A 569 -4.46 -15.36 9.12
C THR A 569 -4.28 -14.78 10.52
N ARG A 570 -4.55 -15.62 11.52
CA ARG A 570 -4.42 -15.24 12.93
C ARG A 570 -4.32 -16.49 13.78
N PRO A 571 -3.60 -16.42 14.91
CA PRO A 571 -3.46 -17.57 15.80
C PRO A 571 -4.78 -17.79 16.49
N ASN A 572 -5.00 -18.99 17.02
CA ASN A 572 -6.26 -19.31 17.68
C ASN A 572 -7.36 -19.31 16.62
N GLN A 573 -6.96 -19.41 15.35
CA GLN A 573 -7.93 -19.44 14.26
C GLN A 573 -8.50 -20.86 14.19
N GLY A 574 -9.79 -20.99 14.49
CA GLY A 574 -10.45 -22.28 14.49
C GLY A 574 -10.45 -23.00 13.16
N PRO A 575 -10.97 -24.24 13.12
CA PRO A 575 -11.03 -25.03 11.89
C PRO A 575 -11.99 -24.44 10.86
N ALA A 576 -11.73 -24.74 9.59
CA ALA A 576 -12.56 -24.26 8.49
C ALA A 576 -12.58 -25.33 7.42
N HIS A 577 -13.61 -25.31 6.57
CA HIS A 577 -13.74 -26.30 5.51
C HIS A 577 -13.65 -25.68 4.12
N PHE A 578 -13.92 -24.39 4.01
CA PHE A 578 -13.84 -23.68 2.73
C PHE A 578 -13.81 -22.19 3.01
N GLU A 579 -13.25 -21.41 2.09
CA GLU A 579 -13.21 -19.97 2.25
C GLU A 579 -14.05 -19.29 1.20
N LEU A 580 -14.78 -18.27 1.63
CA LEU A 580 -15.64 -17.51 0.74
C LEU A 580 -15.08 -16.11 0.60
N HIS A 581 -14.82 -15.68 -0.64
CA HIS A 581 -14.27 -14.36 -0.90
C HIS A 581 -15.34 -13.28 -0.87
N HIS A 582 -15.56 -12.68 0.30
CA HIS A 582 -16.56 -11.62 0.44
C HIS A 582 -15.94 -10.29 0.02
N TYR A 583 -16.78 -9.27 -0.09
CA TYR A 583 -16.34 -7.92 -0.46
C TYR A 583 -15.27 -7.40 0.50
N ALA A 584 -15.48 -7.66 1.79
CA ALA A 584 -14.58 -7.19 2.84
C ALA A 584 -13.49 -8.14 3.29
N GLY A 585 -13.24 -9.22 2.55
CA GLY A 585 -12.18 -10.11 2.99
C GLY A 585 -12.55 -11.57 2.89
N ASN A 586 -11.52 -12.41 2.88
CA ASN A 586 -11.69 -13.85 2.79
C ASN A 586 -12.13 -14.39 4.14
N VAL A 587 -13.21 -15.14 4.17
CA VAL A 587 -13.69 -15.69 5.44
C VAL A 587 -13.69 -17.22 5.47
N PRO A 588 -12.87 -17.81 6.36
CA PRO A 588 -12.85 -19.28 6.44
C PRO A 588 -14.03 -19.76 7.26
N TYR A 589 -14.89 -20.57 6.64
CA TYR A 589 -16.08 -21.09 7.29
C TYR A 589 -15.98 -22.57 7.66
N SER A 590 -16.61 -22.93 8.77
CA SER A 590 -16.69 -24.32 9.24
C SER A 590 -18.15 -24.75 9.07
N ILE A 591 -18.38 -25.96 8.55
CA ILE A 591 -19.76 -26.44 8.34
C ILE A 591 -20.19 -27.53 9.30
N THR A 592 -19.77 -27.41 10.55
CA THR A 592 -20.12 -28.39 11.58
C THR A 592 -21.41 -27.93 12.22
N GLY A 593 -22.38 -28.84 12.37
CA GLY A 593 -23.64 -28.47 12.97
C GLY A 593 -24.59 -27.65 12.12
N TRP A 594 -24.17 -27.33 10.89
CA TRP A 594 -25.00 -26.54 9.98
C TRP A 594 -26.37 -27.10 9.67
N LEU A 595 -26.51 -28.42 9.65
CA LEU A 595 -27.78 -29.05 9.34
C LEU A 595 -28.78 -28.80 10.47
N GLU A 596 -28.33 -28.98 11.72
CA GLU A 596 -29.18 -28.72 12.86
C GLU A 596 -29.47 -27.22 12.98
N LYS A 597 -28.53 -26.38 12.56
CA LYS A 597 -28.72 -24.94 12.67
C LYS A 597 -29.80 -24.39 11.77
N ASN A 598 -29.82 -24.85 10.52
CA ASN A 598 -30.80 -24.38 9.58
C ASN A 598 -32.20 -24.96 9.80
N LYS A 599 -32.27 -26.21 10.24
CA LYS A 599 -33.55 -26.87 10.46
C LYS A 599 -33.76 -27.13 11.96
N ASP A 600 -34.92 -26.74 12.50
CA ASP A 600 -35.20 -26.92 13.92
C ASP A 600 -35.28 -28.42 14.28
N PRO A 601 -34.37 -28.89 15.14
CA PRO A 601 -34.27 -30.28 15.61
C PRO A 601 -35.11 -30.66 16.82
N ILE A 602 -36.29 -30.07 16.97
CA ILE A 602 -37.09 -30.45 18.12
C ILE A 602 -37.94 -31.68 17.94
N ASN A 603 -37.97 -32.45 19.00
CA ASN A 603 -38.75 -33.67 19.12
C ASN A 603 -40.19 -33.42 18.65
N GLU A 604 -40.57 -33.97 17.51
CA GLU A 604 -41.92 -33.77 16.97
C GLU A 604 -43.00 -34.35 17.87
N ASN A 605 -42.57 -35.10 18.87
CA ASN A 605 -43.48 -35.72 19.82
C ASN A 605 -43.79 -34.70 20.91
N VAL A 606 -42.74 -34.08 21.43
CA VAL A 606 -42.89 -33.04 22.44
C VAL A 606 -43.67 -31.89 21.75
N VAL A 607 -43.48 -31.74 20.43
CA VAL A 607 -44.19 -30.73 19.69
C VAL A 607 -45.69 -31.00 19.79
N ALA A 608 -46.09 -32.20 19.36
CA ALA A 608 -47.47 -32.65 19.39
C ALA A 608 -48.17 -32.30 20.71
N LEU A 609 -47.54 -32.61 21.84
CA LEU A 609 -48.12 -32.30 23.14
C LEU A 609 -48.41 -30.80 23.29
N LEU A 610 -47.41 -29.97 22.97
CA LEU A 610 -47.52 -28.53 23.09
C LEU A 610 -48.57 -27.98 22.16
N GLY A 611 -48.74 -28.63 21.01
CA GLY A 611 -49.73 -28.17 20.06
C GLY A 611 -51.11 -28.31 20.68
N ALA A 612 -51.19 -29.11 21.72
CA ALA A 612 -52.44 -29.33 22.40
C ALA A 612 -52.40 -28.83 23.84
N SER A 613 -51.60 -27.80 24.08
CA SER A 613 -51.48 -27.21 25.42
C SER A 613 -52.75 -26.50 25.87
N LYS A 614 -52.83 -26.29 27.19
CA LYS A 614 -53.94 -25.60 27.80
C LYS A 614 -53.71 -24.09 27.69
N GLU A 615 -52.44 -23.70 27.75
CA GLU A 615 -52.01 -22.30 27.64
C GLU A 615 -52.21 -21.84 26.20
N PRO A 616 -53.05 -20.80 25.98
CA PRO A 616 -53.29 -20.30 24.61
C PRO A 616 -52.06 -19.88 23.80
N LEU A 617 -51.06 -19.33 24.48
CA LEU A 617 -49.86 -18.88 23.77
C LEU A 617 -49.04 -20.05 23.30
N VAL A 618 -48.77 -20.98 24.18
CA VAL A 618 -48.02 -22.16 23.80
C VAL A 618 -48.77 -22.86 22.67
N ALA A 619 -50.07 -23.01 22.83
CA ALA A 619 -50.87 -23.67 21.78
C ALA A 619 -50.54 -23.02 20.45
N GLU A 620 -50.79 -21.72 20.35
CA GLU A 620 -50.53 -20.98 19.13
C GLU A 620 -49.06 -21.09 18.68
N LEU A 621 -48.13 -20.98 19.62
CA LEU A 621 -46.71 -21.07 19.26
C LEU A 621 -46.36 -22.37 18.55
N PHE A 622 -47.12 -23.43 18.82
CA PHE A 622 -46.88 -24.70 18.17
C PHE A 622 -48.10 -25.18 17.38
N LYS A 623 -48.55 -24.38 16.44
CA LYS A 623 -49.71 -24.72 15.64
C LYS A 623 -49.30 -25.19 14.23
N ALA A 624 -49.79 -26.37 13.86
CA ALA A 624 -49.49 -26.98 12.56
C ALA A 624 -49.48 -25.94 11.44
N GLN A 643 -39.28 -23.99 4.99
CA GLN A 643 -39.57 -23.16 6.15
C GLN A 643 -38.48 -23.30 7.22
N THR A 644 -37.24 -23.14 6.75
CA THR A 644 -36.01 -23.21 7.55
C THR A 644 -35.45 -21.78 7.73
N ILE A 645 -34.40 -21.66 8.54
CA ILE A 645 -33.79 -20.37 8.81
C ILE A 645 -33.28 -19.70 7.54
N SER A 646 -32.57 -20.48 6.73
CA SER A 646 -32.07 -19.95 5.49
C SER A 646 -33.24 -19.61 4.58
N ALA A 647 -34.23 -20.49 4.53
CA ALA A 647 -35.37 -20.22 3.67
C ALA A 647 -36.08 -18.94 4.12
N VAL A 648 -36.40 -18.87 5.40
CA VAL A 648 -37.06 -17.71 5.97
C VAL A 648 -36.25 -16.43 5.73
N HIS A 649 -34.94 -16.48 5.96
CA HIS A 649 -34.06 -15.32 5.77
C HIS A 649 -34.01 -14.83 4.34
N ARG A 650 -34.09 -15.74 3.38
CA ARG A 650 -34.08 -15.31 2.00
C ARG A 650 -35.30 -14.46 1.73
N GLU A 651 -36.47 -14.90 2.17
CA GLU A 651 -37.66 -14.10 1.92
C GLU A 651 -37.58 -12.74 2.61
N SER A 652 -37.18 -12.73 3.88
CA SER A 652 -37.05 -11.47 4.60
C SER A 652 -36.10 -10.57 3.85
N LEU A 653 -34.94 -11.11 3.51
CA LEU A 653 -33.95 -10.33 2.79
C LEU A 653 -34.47 -9.78 1.45
N ASN A 654 -35.15 -10.60 0.66
CA ASN A 654 -35.67 -10.13 -0.62
C ASN A 654 -36.64 -8.96 -0.43
N LYS A 655 -37.43 -9.04 0.63
CA LYS A 655 -38.41 -8.02 0.96
C LYS A 655 -37.68 -6.73 1.39
N LEU A 656 -36.65 -6.86 2.20
CA LEU A 656 -35.92 -5.67 2.63
C LEU A 656 -35.33 -4.96 1.43
N MET A 657 -34.59 -5.69 0.59
CA MET A 657 -33.96 -5.05 -0.58
C MET A 657 -34.99 -4.37 -1.46
N LYS A 658 -36.12 -5.03 -1.63
CA LYS A 658 -37.17 -4.45 -2.44
C LYS A 658 -37.66 -3.12 -1.87
N ASN A 659 -37.82 -3.03 -0.56
CA ASN A 659 -38.25 -1.78 0.03
C ASN A 659 -37.18 -0.67 -0.12
N LEU A 660 -35.92 -1.05 0.09
CA LEU A 660 -34.79 -0.09 0.03
C LEU A 660 -34.58 0.44 -1.39
N TYR A 661 -34.74 -0.40 -2.42
CA TYR A 661 -34.55 0.07 -3.80
C TYR A 661 -35.70 0.97 -4.21
N SER A 662 -36.62 1.21 -3.29
CA SER A 662 -37.73 2.10 -3.57
C SER A 662 -37.56 3.40 -2.77
N THR A 663 -36.43 3.55 -2.07
CA THR A 663 -36.18 4.72 -1.24
C THR A 663 -34.96 5.54 -1.64
N HIS A 664 -34.86 6.73 -1.05
CA HIS A 664 -33.71 7.62 -1.25
C HIS A 664 -32.98 7.30 0.06
N PRO A 665 -31.74 6.80 0.00
CA PRO A 665 -31.03 6.48 1.22
C PRO A 665 -30.17 7.58 1.87
N HIS A 666 -30.09 7.53 3.20
CA HIS A 666 -29.29 8.46 4.01
C HIS A 666 -28.40 7.55 4.90
N PHE A 667 -27.10 7.56 4.68
CA PHE A 667 -26.16 6.73 5.43
C PHE A 667 -25.50 7.40 6.64
N VAL A 668 -25.45 6.66 7.75
CA VAL A 668 -24.84 7.10 9.00
C VAL A 668 -23.81 6.05 9.36
N ARG A 669 -22.55 6.45 9.45
CA ARG A 669 -21.50 5.51 9.81
C ARG A 669 -21.16 5.70 11.26
N CYS A 670 -21.45 4.70 12.08
CA CYS A 670 -21.13 4.78 13.49
C CYS A 670 -19.76 4.19 13.65
N ILE A 671 -18.98 4.72 14.62
CA ILE A 671 -17.66 4.17 14.81
C ILE A 671 -17.30 4.18 16.29
N ILE A 672 -16.80 3.03 16.75
CA ILE A 672 -16.41 2.85 18.14
C ILE A 672 -14.96 3.37 18.28
N PRO A 673 -14.75 4.34 19.19
CA PRO A 673 -13.42 4.93 19.41
C PRO A 673 -12.36 4.12 20.15
N ASN A 674 -12.78 3.16 20.97
CA ASN A 674 -11.82 2.33 21.70
C ASN A 674 -12.51 1.07 22.20
N GLU A 675 -11.72 0.17 22.77
CA GLU A 675 -12.22 -1.11 23.27
C GLU A 675 -12.52 -1.09 24.77
N LEU A 676 -12.40 0.07 25.39
CA LEU A 676 -12.61 0.16 26.83
C LEU A 676 -13.89 0.85 27.26
N LYS A 677 -14.71 1.27 26.29
CA LYS A 677 -15.97 1.94 26.57
C LYS A 677 -15.66 3.19 27.37
N GLN A 678 -14.48 3.72 27.16
CA GLN A 678 -14.03 4.89 27.87
C GLN A 678 -14.31 6.15 27.05
N PRO A 679 -15.08 7.08 27.61
CA PRO A 679 -15.42 8.32 26.91
C PRO A 679 -14.18 9.19 26.62
N GLY A 680 -14.15 9.81 25.45
CA GLY A 680 -13.03 10.66 25.09
C GLY A 680 -11.72 10.03 24.63
N LEU A 681 -11.55 8.73 24.88
CA LEU A 681 -10.33 8.03 24.49
C LEU A 681 -10.36 7.63 23.01
N VAL A 682 -9.24 7.82 22.32
CA VAL A 682 -9.16 7.43 20.90
C VAL A 682 -8.06 6.39 20.66
N ASP A 683 -8.41 5.31 19.96
CA ASP A 683 -7.52 4.18 19.63
C ASP A 683 -7.36 4.25 18.10
N ALA A 684 -6.29 4.90 17.69
CA ALA A 684 -5.97 5.14 16.29
C ALA A 684 -6.16 3.93 15.35
N GLU A 685 -5.35 2.90 15.51
CA GLU A 685 -5.41 1.73 14.61
C GLU A 685 -6.87 1.19 14.50
N LEU A 686 -7.66 1.41 15.54
CA LEU A 686 -9.09 0.96 15.60
C LEU A 686 -9.98 1.86 14.73
N VAL A 687 -9.89 3.19 14.95
CA VAL A 687 -10.66 4.13 14.16
C VAL A 687 -10.24 4.10 12.70
N LEU A 688 -8.94 4.02 12.40
CA LEU A 688 -8.53 3.99 11.00
C LEU A 688 -9.16 2.83 10.28
N HIS A 689 -9.06 1.65 10.90
CA HIS A 689 -9.60 0.42 10.38
C HIS A 689 -11.07 0.57 10.01
N GLN A 690 -11.84 1.25 10.84
CA GLN A 690 -13.24 1.45 10.54
C GLN A 690 -13.43 2.48 9.43
N LEU A 691 -12.37 3.17 9.02
CA LEU A 691 -12.56 4.14 7.93
C LEU A 691 -12.24 3.51 6.57
N GLN A 692 -11.65 2.32 6.61
CA GLN A 692 -11.24 1.58 5.40
C GLN A 692 -12.25 1.25 4.30
N CYS A 693 -13.53 1.03 4.60
CA CYS A 693 -14.47 0.69 3.52
C CYS A 693 -15.93 1.11 3.79
N ASN A 694 -16.20 2.41 3.78
CA ASN A 694 -17.55 2.89 4.06
C ASN A 694 -18.00 4.19 3.40
N GLY A 695 -17.31 4.62 2.36
CA GLY A 695 -17.74 5.84 1.72
C GLY A 695 -17.03 7.09 2.21
N VAL A 696 -16.67 7.15 3.49
CA VAL A 696 -15.96 8.32 3.98
C VAL A 696 -14.77 8.28 3.03
N LEU A 697 -14.57 9.34 2.27
CA LEU A 697 -13.51 9.35 1.25
C LEU A 697 -12.15 9.05 1.82
N GLU A 698 -12.13 8.52 3.04
CA GLU A 698 -10.89 8.20 3.74
C GLU A 698 -10.65 6.69 3.72
N ARG A 704 -13.11 -1.59 -1.78
CA ARG A 704 -12.51 -1.03 -2.98
C ARG A 704 -13.50 -1.02 -4.14
N LYS A 705 -13.42 0.02 -4.98
CA LYS A 705 -14.32 0.16 -6.13
C LYS A 705 -13.61 0.14 -7.50
N GLY A 706 -14.29 -0.41 -8.51
CA GLY A 706 -13.76 -0.49 -9.86
C GLY A 706 -14.15 0.69 -10.73
N PHE A 707 -14.37 1.84 -10.10
CA PHE A 707 -14.76 3.06 -10.82
C PHE A 707 -13.53 3.75 -11.38
N PRO A 708 -13.73 4.59 -12.39
CA PRO A 708 -12.60 5.31 -12.98
C PRO A 708 -11.95 6.26 -11.99
N SER A 709 -10.63 6.36 -12.06
CA SER A 709 -9.90 7.26 -11.18
C SER A 709 -9.92 8.65 -11.78
N ARG A 710 -9.65 9.66 -10.96
CA ARG A 710 -9.67 11.05 -11.42
C ARG A 710 -8.62 11.93 -10.76
N LEU A 711 -8.06 12.84 -11.53
CA LEU A 711 -7.04 13.76 -11.01
C LEU A 711 -7.26 15.19 -11.47
N ILE A 712 -7.03 16.12 -10.57
CA ILE A 712 -7.14 17.53 -10.92
C ILE A 712 -5.93 17.79 -11.80
N TYR A 713 -6.17 18.21 -13.04
CA TYR A 713 -5.10 18.50 -13.99
C TYR A 713 -3.77 18.93 -13.35
N SER A 714 -3.84 19.82 -12.35
CA SER A 714 -2.65 20.28 -11.66
C SER A 714 -1.80 19.12 -11.13
N GLU A 715 -2.37 18.28 -10.26
CA GLU A 715 -1.62 17.16 -9.71
C GLU A 715 -1.13 16.22 -10.82
N PHE A 716 -1.90 16.15 -11.91
CA PHE A 716 -1.53 15.33 -13.05
C PHE A 716 -0.22 15.85 -13.61
N LYS A 717 -0.28 17.08 -14.14
CA LYS A 717 0.87 17.75 -14.73
C LYS A 717 2.11 17.70 -13.85
N GLN A 718 1.92 17.80 -12.54
CA GLN A 718 3.04 17.74 -11.62
C GLN A 718 3.47 16.32 -11.33
N ARG A 719 2.72 15.34 -11.80
CA ARG A 719 3.11 13.96 -11.56
C ARG A 719 3.56 13.26 -12.83
N TYR A 720 2.95 13.60 -13.97
CA TYR A 720 3.29 12.93 -15.22
C TYR A 720 3.85 13.78 -16.37
N SER A 721 4.17 15.05 -16.14
CA SER A 721 4.73 15.83 -17.22
C SER A 721 6.03 15.12 -17.70
N ILE A 722 6.61 14.30 -16.83
CA ILE A 722 7.82 13.54 -17.16
C ILE A 722 7.61 12.45 -18.22
N LEU A 723 6.37 12.07 -18.48
CA LEU A 723 6.10 11.03 -19.46
C LEU A 723 6.19 11.57 -20.88
N ALA A 724 6.27 12.90 -21.01
CA ALA A 724 6.41 13.55 -22.32
C ALA A 724 6.98 14.97 -22.15
N PRO A 725 8.22 15.08 -21.64
CA PRO A 725 8.92 16.36 -21.39
C PRO A 725 9.17 17.23 -22.62
N ASN A 726 9.39 16.60 -23.76
CA ASN A 726 9.69 17.34 -24.98
C ASN A 726 8.48 17.83 -25.76
N ALA A 727 7.31 17.81 -25.11
CA ALA A 727 6.09 18.27 -25.76
C ALA A 727 5.37 19.21 -24.80
N ILE A 728 6.12 19.81 -23.89
CA ILE A 728 5.58 20.75 -22.92
C ILE A 728 6.17 22.13 -23.23
N PRO A 729 5.32 23.11 -23.54
CA PRO A 729 5.77 24.47 -23.87
C PRO A 729 6.21 25.33 -22.69
N GLN A 730 7.02 26.35 -22.99
CA GLN A 730 7.57 27.32 -22.05
C GLN A 730 9.02 27.65 -22.41
N ASP A 734 -0.95 26.45 -17.79
CA ASP A 734 -2.27 25.88 -18.01
C ASP A 734 -2.25 24.37 -17.76
N GLY A 735 -2.37 23.98 -16.49
CA GLY A 735 -2.36 22.57 -16.14
C GLY A 735 -3.25 21.70 -17.01
N LYS A 736 -4.33 22.29 -17.51
CA LYS A 736 -5.29 21.58 -18.36
C LYS A 736 -4.70 21.17 -19.72
N THR A 737 -3.97 22.08 -20.37
CA THR A 737 -3.38 21.76 -21.67
C THR A 737 -2.10 20.96 -21.53
N VAL A 738 -1.40 21.17 -20.43
CA VAL A 738 -0.16 20.44 -20.16
C VAL A 738 -0.53 18.97 -19.96
N SER A 739 -1.76 18.74 -19.50
CA SER A 739 -2.24 17.38 -19.27
C SER A 739 -2.67 16.71 -20.56
N GLU A 740 -3.16 17.51 -21.50
CA GLU A 740 -3.63 17.00 -22.79
C GLU A 740 -2.48 16.71 -23.75
N LYS A 741 -1.38 17.45 -23.61
CA LYS A 741 -0.23 17.25 -24.49
C LYS A 741 0.54 16.00 -24.06
N ILE A 742 0.50 15.69 -22.78
CA ILE A 742 1.19 14.53 -22.26
C ILE A 742 0.44 13.29 -22.74
N LEU A 743 -0.89 13.33 -22.63
CA LEU A 743 -1.72 12.22 -23.04
C LEU A 743 -1.65 12.11 -24.55
N ALA A 744 -1.64 13.27 -25.21
CA ALA A 744 -1.53 13.29 -26.66
C ALA A 744 -0.17 12.67 -26.96
N GLY A 745 0.82 13.01 -26.15
CA GLY A 745 2.16 12.48 -26.30
C GLY A 745 2.18 10.96 -26.24
N LEU A 746 1.78 10.39 -25.10
CA LEU A 746 1.76 8.93 -24.97
C LEU A 746 0.82 8.37 -26.02
N GLN A 747 0.05 9.24 -26.66
CA GLN A 747 -0.89 8.81 -27.69
C GLN A 747 -1.82 7.74 -27.13
N MET A 748 -2.20 7.90 -25.86
CA MET A 748 -3.09 6.96 -25.21
C MET A 748 -4.42 6.85 -25.94
N ASP A 749 -4.97 5.64 -25.94
CA ASP A 749 -6.24 5.36 -26.58
C ASP A 749 -7.30 6.27 -25.96
N PRO A 750 -7.99 7.09 -26.79
CA PRO A 750 -9.02 8.01 -26.32
C PRO A 750 -10.17 7.31 -25.60
N ALA A 751 -10.23 5.99 -25.76
CA ALA A 751 -11.27 5.18 -25.13
C ALA A 751 -10.86 4.69 -23.75
N GLU A 752 -9.90 5.37 -23.13
CA GLU A 752 -9.42 4.99 -21.81
C GLU A 752 -9.43 6.12 -20.79
N TYR A 753 -9.81 7.31 -21.25
CA TYR A 753 -9.89 8.46 -20.34
C TYR A 753 -10.97 9.45 -20.76
N ARG A 754 -11.18 10.46 -19.91
CA ARG A 754 -12.19 11.46 -20.17
C ARG A 754 -11.80 12.82 -19.61
N LEU A 755 -11.96 13.80 -20.48
CA LEU A 755 -11.67 15.21 -20.27
C LEU A 755 -12.60 15.86 -19.25
N GLY A 756 -12.11 16.14 -18.06
CA GLY A 756 -12.97 16.79 -17.08
C GLY A 756 -12.71 18.28 -17.07
N THR A 757 -13.77 19.08 -17.00
CA THR A 757 -13.60 20.52 -16.97
C THR A 757 -12.56 20.88 -15.92
N THR A 758 -12.52 20.08 -14.86
CA THR A 758 -11.58 20.32 -13.77
C THR A 758 -10.63 19.17 -13.49
N LYS A 759 -10.92 18.00 -14.06
CA LYS A 759 -10.03 16.86 -13.82
C LYS A 759 -10.13 15.79 -14.89
N VAL A 760 -9.08 15.00 -15.04
CA VAL A 760 -9.08 13.93 -16.03
C VAL A 760 -9.47 12.61 -15.35
N PHE A 761 -10.20 11.77 -16.09
CA PHE A 761 -10.67 10.47 -15.59
C PHE A 761 -10.06 9.34 -16.43
N PHE A 762 -9.68 8.24 -15.76
CA PHE A 762 -9.10 7.08 -16.43
C PHE A 762 -9.88 5.82 -16.05
N LYS A 763 -9.92 4.84 -16.95
CA LYS A 763 -10.59 3.58 -16.65
C LYS A 763 -9.74 2.88 -15.61
N ALA A 764 -10.40 2.16 -14.70
CA ALA A 764 -9.70 1.41 -13.67
C ALA A 764 -8.45 0.74 -14.24
N GLY A 765 -7.34 0.82 -13.52
CA GLY A 765 -6.10 0.20 -13.98
C GLY A 765 -5.15 1.09 -14.76
N VAL A 766 -5.68 2.03 -15.53
CA VAL A 766 -4.87 2.94 -16.33
C VAL A 766 -3.86 3.72 -15.49
N LEU A 767 -4.34 4.41 -14.48
CA LEU A 767 -3.49 5.21 -13.62
C LEU A 767 -2.35 4.34 -13.06
N GLY A 768 -2.63 3.06 -12.83
CA GLY A 768 -1.60 2.17 -12.31
C GLY A 768 -0.51 1.99 -13.34
N ASN A 769 -0.91 1.83 -14.60
CA ASN A 769 0.03 1.66 -15.70
C ASN A 769 0.89 2.92 -15.91
N LEU A 770 0.30 4.11 -15.77
CA LEU A 770 1.06 5.33 -15.95
C LEU A 770 2.11 5.41 -14.84
N GLU A 771 1.75 5.04 -13.62
CA GLU A 771 2.71 5.03 -12.52
C GLU A 771 3.92 4.13 -12.81
N GLU A 772 3.69 3.08 -13.58
CA GLU A 772 4.76 2.15 -13.94
C GLU A 772 5.66 2.75 -15.01
N MET A 773 5.06 3.33 -16.03
CA MET A 773 5.83 3.96 -17.09
C MET A 773 6.66 5.06 -16.45
N ARG A 774 6.08 5.70 -15.44
CA ARG A 774 6.75 6.80 -14.77
C ARG A 774 8.05 6.32 -14.14
N ASP A 775 8.01 5.17 -13.47
CA ASP A 775 9.19 4.60 -12.85
C ASP A 775 10.30 4.32 -13.88
N GLU A 776 9.90 3.70 -14.98
CA GLU A 776 10.80 3.34 -16.06
C GLU A 776 11.42 4.58 -16.69
N ARG A 777 10.58 5.57 -16.93
CA ARG A 777 10.98 6.83 -17.56
C ARG A 777 11.97 7.61 -16.70
N LEU A 778 11.62 7.83 -15.45
CA LEU A 778 12.48 8.54 -14.52
C LEU A 778 13.82 7.83 -14.38
N SER A 779 13.77 6.51 -14.29
CA SER A 779 15.00 5.73 -14.15
C SER A 779 15.89 5.82 -15.36
N LYS A 780 15.30 5.75 -16.56
CA LYS A 780 16.09 5.83 -17.78
C LYS A 780 16.70 7.21 -18.00
N ILE A 781 15.93 8.26 -17.71
CA ILE A 781 16.42 9.62 -17.87
C ILE A 781 17.61 9.86 -16.96
N ILE A 782 17.52 9.38 -15.72
CA ILE A 782 18.62 9.55 -14.80
C ILE A 782 19.87 8.87 -15.40
N SER A 783 19.66 7.70 -16.01
CA SER A 783 20.74 6.95 -16.62
C SER A 783 21.34 7.69 -17.81
N MET A 784 20.50 8.31 -18.62
CA MET A 784 21.00 9.03 -19.77
C MET A 784 21.84 10.19 -19.25
N PHE A 785 21.44 10.78 -18.11
CA PHE A 785 22.20 11.89 -17.57
C PHE A 785 23.55 11.38 -17.07
N GLN A 786 23.52 10.21 -16.42
CA GLN A 786 24.75 9.63 -15.92
C GLN A 786 25.63 9.30 -17.14
N ALA A 787 25.01 8.86 -18.22
CA ALA A 787 25.71 8.53 -19.45
C ALA A 787 26.35 9.80 -20.01
N HIS A 788 25.63 10.90 -19.87
CA HIS A 788 26.11 12.19 -20.35
C HIS A 788 27.32 12.61 -19.53
N ILE A 789 27.30 12.30 -18.23
CA ILE A 789 28.40 12.65 -17.36
C ILE A 789 29.63 11.82 -17.69
N ARG A 790 29.41 10.53 -17.98
CA ARG A 790 30.54 9.66 -18.36
C ARG A 790 31.12 10.17 -19.68
N GLY A 791 30.26 10.71 -20.54
CA GLY A 791 30.74 11.23 -21.81
C GLY A 791 31.58 12.49 -21.68
N TYR A 792 31.31 13.28 -20.65
CA TYR A 792 32.04 14.52 -20.37
C TYR A 792 33.43 14.18 -19.85
N LEU A 793 33.49 13.30 -18.85
CA LEU A 793 34.77 12.88 -18.29
C LEU A 793 35.72 12.28 -19.33
N ILE A 794 35.23 11.40 -20.21
CA ILE A 794 36.09 10.82 -21.23
C ILE A 794 36.51 11.83 -22.30
N ARG A 795 35.65 12.79 -22.61
CA ARG A 795 35.98 13.80 -23.61
C ARG A 795 36.93 14.85 -23.04
N LYS A 796 37.05 14.86 -21.74
CA LYS A 796 37.94 15.80 -21.03
C LYS A 796 39.36 15.24 -21.09
N ALA A 797 39.47 13.92 -21.00
CA ALA A 797 40.75 13.23 -21.03
C ALA A 797 41.30 12.98 -22.43
N TYR A 798 40.45 13.18 -23.43
CA TYR A 798 40.85 12.94 -24.83
C TYR A 798 42.13 13.64 -25.28
N LYS A 799 42.22 14.95 -25.10
CA LYS A 799 43.41 15.70 -25.50
C LYS A 799 44.71 15.17 -24.86
N LYS A 800 44.69 14.95 -23.55
CA LYS A 800 45.86 14.45 -22.82
C LYS A 800 46.25 13.07 -23.36
N LEU A 801 45.23 12.29 -23.72
CA LEU A 801 45.43 10.94 -24.27
C LEU A 801 46.16 11.04 -25.62
N GLN A 802 45.89 12.10 -26.38
CA GLN A 802 46.56 12.31 -27.67
C GLN A 802 47.97 12.87 -27.46
N ASP A 803 48.12 13.78 -26.51
CA ASP A 803 49.44 14.32 -26.23
C ASP A 803 50.34 13.17 -25.77
N GLN A 804 49.87 12.41 -24.78
CA GLN A 804 50.65 11.29 -24.27
C GLN A 804 50.97 10.22 -25.31
N ARG A 805 50.13 10.04 -26.33
CA ARG A 805 50.48 9.00 -27.30
C ARG A 805 51.79 9.41 -27.94
N ILE A 806 51.94 10.72 -28.17
CA ILE A 806 53.16 11.22 -28.75
C ILE A 806 54.29 11.04 -27.74
N GLY A 807 54.03 11.34 -26.48
CA GLY A 807 55.06 11.17 -25.48
C GLY A 807 55.60 9.74 -25.48
N LEU A 808 54.72 8.76 -25.26
CA LEU A 808 55.11 7.35 -25.22
C LEU A 808 55.82 6.90 -26.48
N SER A 809 55.41 7.37 -27.64
CA SER A 809 56.08 6.99 -28.89
C SER A 809 57.55 7.47 -28.90
N VAL A 810 57.80 8.65 -28.37
CA VAL A 810 59.15 9.21 -28.30
C VAL A 810 60.02 8.38 -27.36
N ILE A 811 59.46 7.98 -26.23
CA ILE A 811 60.20 7.24 -25.25
C ILE A 811 60.55 5.83 -25.72
N GLN A 812 59.57 5.10 -26.23
CA GLN A 812 59.82 3.74 -26.72
C GLN A 812 60.82 3.80 -27.87
N ARG A 813 60.62 4.76 -28.77
CA ARG A 813 61.51 4.91 -29.93
C ARG A 813 62.97 5.18 -29.52
N ASN A 814 63.19 6.21 -28.70
CA ASN A 814 64.54 6.56 -28.27
C ASN A 814 65.18 5.60 -27.29
N ILE A 815 64.42 4.69 -26.69
CA ILE A 815 65.07 3.76 -25.78
C ILE A 815 65.55 2.61 -26.66
N ARG A 816 64.75 2.28 -27.66
CA ARG A 816 65.13 1.23 -28.59
C ARG A 816 66.42 1.62 -29.34
N LYS A 817 66.55 2.89 -29.74
CA LYS A 817 67.75 3.34 -30.43
C LYS A 817 68.97 3.22 -29.50
N TRP A 818 68.81 3.73 -28.28
CA TRP A 818 69.86 3.67 -27.27
C TRP A 818 70.22 2.22 -27.01
N LEU A 819 69.25 1.34 -27.14
CA LEU A 819 69.50 -0.07 -26.93
C LEU A 819 70.23 -0.74 -28.10
N VAL A 820 69.78 -0.47 -29.32
CA VAL A 820 70.41 -1.05 -30.51
C VAL A 820 71.83 -0.52 -30.72
N LEU A 821 72.06 0.73 -30.32
CA LEU A 821 73.38 1.34 -30.44
C LEU A 821 74.35 0.70 -29.47
N ARG A 822 73.84 0.33 -28.30
CA ARG A 822 74.65 -0.28 -27.26
C ARG A 822 75.11 -1.67 -27.67
N ASN A 823 74.45 -2.24 -28.66
CA ASN A 823 74.83 -3.56 -29.13
C ASN A 823 75.61 -3.48 -30.44
N TRP A 824 75.93 -2.26 -30.86
CA TRP A 824 76.67 -2.03 -32.11
C TRP A 824 78.17 -2.19 -31.85
N GLN A 825 78.80 -3.16 -32.51
CA GLN A 825 80.24 -3.41 -32.33
C GLN A 825 81.07 -2.14 -32.22
N TRP A 826 80.86 -1.21 -33.13
CA TRP A 826 81.60 0.05 -33.13
C TRP A 826 81.39 0.86 -31.88
N TRP A 827 80.16 0.94 -31.41
CA TRP A 827 79.92 1.73 -30.20
C TRP A 827 80.55 1.06 -28.99
N LYS A 828 80.68 -0.26 -29.04
CA LYS A 828 81.30 -1.00 -27.94
C LYS A 828 82.79 -0.77 -27.89
N LEU A 829 83.44 -0.86 -29.03
CA LEU A 829 84.89 -0.62 -29.07
C LEU A 829 85.09 0.81 -28.60
N TYR A 830 84.26 1.71 -29.11
CA TYR A 830 84.34 3.10 -28.74
C TYR A 830 84.20 3.30 -27.23
N SER A 831 83.20 2.66 -26.62
CA SER A 831 82.99 2.79 -25.18
C SER A 831 84.21 2.35 -24.39
N LYS A 832 84.94 1.37 -24.92
CA LYS A 832 86.14 0.86 -24.24
C LYS A 832 87.33 1.82 -24.34
N VAL A 833 87.34 2.67 -25.35
CA VAL A 833 88.44 3.61 -25.57
C VAL A 833 88.27 5.00 -24.93
N LYS A 834 87.02 5.46 -24.78
CA LYS A 834 86.75 6.78 -24.20
C LYS A 834 87.39 7.00 -22.83
N PRO A 835 87.44 5.96 -21.99
CA PRO A 835 88.05 6.06 -20.66
C PRO A 835 89.55 6.30 -20.70
N LEU A 836 90.17 6.21 -21.87
CA LEU A 836 91.63 6.24 -21.92
C LEU A 836 92.22 7.53 -22.48
N LEU A 837 91.36 8.51 -22.73
CA LEU A 837 91.83 9.80 -23.28
C LEU A 837 91.31 10.96 -22.45
N PRO B 1 76.82 17.56 -34.18
CA PRO B 1 78.04 16.99 -33.54
C PRO B 1 79.21 17.97 -33.64
N GLN B 2 79.58 18.57 -32.50
CA GLN B 2 80.68 19.53 -32.49
C GLN B 2 81.75 19.19 -31.45
N LYS B 3 81.36 19.10 -30.19
CA LYS B 3 82.30 18.78 -29.13
C LYS B 3 82.66 17.31 -29.18
N GLN B 4 81.73 16.51 -29.67
CA GLN B 4 81.95 15.07 -29.79
C GLN B 4 83.08 14.76 -30.77
N ILE B 5 83.02 15.33 -31.96
CA ILE B 5 84.03 15.12 -32.99
C ILE B 5 85.48 15.04 -32.50
N GLN B 6 85.96 16.08 -31.84
CA GLN B 6 87.33 16.05 -31.35
C GLN B 6 87.55 14.76 -30.55
N GLU B 7 86.59 14.45 -29.68
CA GLU B 7 86.70 13.23 -28.87
C GLU B 7 86.76 12.03 -29.79
N MET B 8 86.03 12.09 -30.90
CA MET B 8 86.00 10.99 -31.84
C MET B 8 87.29 10.94 -32.64
N LYS B 9 88.10 11.98 -32.54
CA LYS B 9 89.36 12.04 -33.26
C LYS B 9 90.49 11.42 -32.43
N GLU B 10 90.42 11.62 -31.12
CA GLU B 10 91.43 11.07 -30.21
C GLU B 10 91.21 9.55 -30.20
N ALA B 11 89.96 9.16 -30.15
CA ALA B 11 89.58 7.76 -30.15
C ALA B 11 90.06 7.14 -31.45
N PHE B 12 89.75 7.79 -32.57
CA PHE B 12 90.16 7.27 -33.86
C PHE B 12 91.65 6.97 -33.95
N SER B 13 92.46 7.82 -33.33
CA SER B 13 93.90 7.66 -33.36
C SER B 13 94.35 6.61 -32.36
N MET B 14 93.44 6.14 -31.52
CA MET B 14 93.80 5.15 -30.52
C MET B 14 93.44 3.77 -31.04
N ILE B 15 92.48 3.73 -31.95
CA ILE B 15 92.04 2.47 -32.56
C ILE B 15 93.02 2.13 -33.68
N ASP B 16 93.48 3.18 -34.37
CA ASP B 16 94.46 3.05 -35.46
C ASP B 16 95.80 2.84 -34.78
N VAL B 17 96.12 1.59 -34.51
CA VAL B 17 97.35 1.22 -33.82
C VAL B 17 98.64 1.49 -34.60
N ASP B 18 98.72 0.97 -35.82
CA ASP B 18 99.91 1.16 -36.64
C ASP B 18 100.11 2.63 -37.01
N ARG B 19 99.21 3.48 -36.52
CA ARG B 19 99.28 4.92 -36.78
C ARG B 19 99.58 5.19 -38.25
N ASP B 20 98.55 5.25 -39.07
CA ASP B 20 98.73 5.49 -40.49
C ASP B 20 97.54 6.25 -41.08
N GLY B 21 96.55 6.53 -40.24
CA GLY B 21 95.38 7.25 -40.69
C GLY B 21 94.26 6.37 -41.22
N PHE B 22 94.39 5.06 -41.09
CA PHE B 22 93.37 4.14 -41.55
C PHE B 22 93.19 2.99 -40.60
N VAL B 23 91.95 2.77 -40.18
CA VAL B 23 91.63 1.68 -39.27
C VAL B 23 91.41 0.41 -40.08
N SER B 24 92.27 -0.59 -39.86
CA SER B 24 92.16 -1.86 -40.57
C SER B 24 91.73 -2.97 -39.63
N LYS B 25 91.52 -4.15 -40.20
CA LYS B 25 91.10 -5.33 -39.44
C LYS B 25 92.10 -5.55 -38.29
N GLU B 26 93.38 -5.52 -38.62
CA GLU B 26 94.44 -5.70 -37.64
C GLU B 26 94.47 -4.57 -36.62
N ASP B 27 94.09 -3.37 -37.05
CA ASP B 27 94.06 -2.23 -36.14
C ASP B 27 93.04 -2.48 -35.03
N ILE B 28 91.89 -3.03 -35.42
CA ILE B 28 90.81 -3.34 -34.49
C ILE B 28 91.13 -4.56 -33.65
N LYS B 29 91.57 -5.63 -34.31
CA LYS B 29 91.90 -6.87 -33.64
C LYS B 29 92.96 -6.69 -32.57
N ALA B 30 93.82 -5.69 -32.75
CA ALA B 30 94.89 -5.42 -31.80
C ALA B 30 94.44 -4.54 -30.64
N ILE B 31 93.69 -3.48 -30.93
CA ILE B 31 93.21 -2.59 -29.88
C ILE B 31 92.14 -3.28 -29.05
N SER B 32 91.36 -4.12 -29.70
CA SER B 32 90.29 -4.84 -29.02
C SER B 32 90.93 -5.77 -27.99
N GLU B 33 91.75 -6.71 -28.46
CA GLU B 33 92.43 -7.65 -27.57
C GLU B 33 93.24 -6.89 -26.50
N GLN B 34 93.63 -5.66 -26.83
CA GLN B 34 94.41 -4.84 -25.91
C GLN B 34 93.57 -4.35 -24.73
N LEU B 35 92.36 -3.89 -25.01
CA LEU B 35 91.46 -3.39 -23.98
C LEU B 35 90.57 -4.51 -23.53
N GLY B 36 90.71 -5.57 -24.31
CA GLY B 36 90.03 -6.80 -24.06
C GLY B 36 88.82 -7.01 -24.90
N ARG B 37 88.63 -8.32 -25.12
CA ARG B 37 87.44 -8.94 -25.66
C ARG B 37 87.35 -8.76 -27.16
N ALA B 38 88.25 -9.16 -28.03
CA ALA B 38 88.07 -8.92 -29.47
C ALA B 38 86.99 -9.66 -30.24
N PRO B 39 86.52 -9.08 -31.35
CA PRO B 39 85.50 -9.71 -32.19
C PRO B 39 86.03 -10.94 -32.93
N ASP B 40 85.09 -11.75 -33.42
CA ASP B 40 85.42 -12.95 -34.17
C ASP B 40 85.97 -12.48 -35.51
N ASP B 41 86.91 -13.23 -36.09
CA ASP B 41 87.49 -12.85 -37.36
C ASP B 41 86.44 -12.48 -38.41
N LYS B 42 85.20 -12.90 -38.23
CA LYS B 42 84.14 -12.59 -39.18
C LYS B 42 83.42 -11.31 -38.78
N GLU B 43 83.43 -11.03 -37.48
CA GLU B 43 82.79 -9.84 -36.93
C GLU B 43 83.58 -8.58 -37.26
N LEU B 44 84.89 -8.73 -37.41
CA LEU B 44 85.77 -7.62 -37.73
C LEU B 44 85.49 -7.17 -39.16
N THR B 45 85.25 -8.15 -40.02
CA THR B 45 84.96 -7.88 -41.42
C THR B 45 83.69 -7.06 -41.56
N ALA B 46 82.70 -7.36 -40.73
CA ALA B 46 81.44 -6.64 -40.78
C ALA B 46 81.64 -5.17 -40.39
N MET B 47 82.36 -4.95 -39.29
CA MET B 47 82.61 -3.59 -38.84
C MET B 47 83.25 -2.72 -39.93
N LEU B 48 84.12 -3.32 -40.74
CA LEU B 48 84.79 -2.59 -41.81
C LEU B 48 83.93 -2.50 -43.05
N LYS B 49 83.20 -3.56 -43.35
CA LYS B 49 82.32 -3.59 -44.52
C LYS B 49 81.26 -2.49 -44.41
N GLU B 50 81.02 -2.01 -43.19
CA GLU B 50 80.04 -0.96 -42.95
C GLU B 50 80.56 0.37 -43.49
N ALA B 51 81.81 0.34 -43.95
CA ALA B 51 82.45 1.54 -44.50
C ALA B 51 83.05 1.22 -45.86
N PRO B 52 82.23 1.26 -46.93
CA PRO B 52 82.66 0.99 -48.30
C PRO B 52 83.73 1.96 -48.78
N GLY B 53 84.95 1.74 -48.34
CA GLY B 53 86.07 2.59 -48.69
C GLY B 53 87.05 2.59 -47.54
N PRO B 54 88.37 2.66 -47.82
CA PRO B 54 89.37 2.68 -46.74
C PRO B 54 88.86 3.52 -45.60
N LEU B 55 89.03 3.02 -44.38
CA LEU B 55 88.53 3.72 -43.22
C LEU B 55 89.40 4.78 -42.57
N ASN B 56 89.22 6.02 -43.00
CA ASN B 56 89.93 7.17 -42.44
C ASN B 56 88.97 7.89 -41.51
N PHE B 57 89.46 8.90 -40.81
CA PHE B 57 88.60 9.63 -39.87
C PHE B 57 87.29 10.11 -40.51
N THR B 58 87.30 10.40 -41.80
CA THR B 58 86.09 10.87 -42.43
C THR B 58 85.04 9.78 -42.51
N MET B 59 85.45 8.59 -42.91
CA MET B 59 84.51 7.48 -42.99
C MET B 59 84.08 7.11 -41.55
N PHE B 60 85.00 7.27 -40.61
CA PHE B 60 84.75 6.99 -39.20
C PHE B 60 83.55 7.80 -38.69
N LEU B 61 83.66 9.13 -38.78
CA LEU B 61 82.57 10.02 -38.34
C LEU B 61 81.32 9.70 -39.11
N SER B 62 81.48 9.42 -40.39
CA SER B 62 80.35 9.09 -41.24
C SER B 62 79.49 7.96 -40.68
N ILE B 63 80.11 6.84 -40.31
CA ILE B 63 79.32 5.74 -39.78
C ILE B 63 78.69 6.11 -38.43
N PHE B 64 79.43 6.81 -37.59
CA PHE B 64 78.90 7.24 -36.30
C PHE B 64 77.83 8.30 -36.47
N SER B 65 78.13 9.32 -37.26
CA SER B 65 77.20 10.41 -37.51
C SER B 65 75.84 9.88 -37.95
N ASP B 66 75.86 8.94 -38.88
CA ASP B 66 74.64 8.36 -39.42
C ASP B 66 73.98 7.35 -38.51
N LYS B 67 74.66 6.95 -37.45
CA LYS B 67 74.09 5.99 -36.52
C LYS B 67 73.28 6.75 -35.46
N LEU B 68 73.86 7.84 -34.97
CA LEU B 68 73.24 8.67 -33.96
C LEU B 68 72.34 9.73 -34.59
N SER B 69 71.85 9.42 -35.79
CA SER B 69 70.97 10.32 -36.52
C SER B 69 69.51 9.90 -36.38
N GLY B 70 68.63 10.87 -36.20
CA GLY B 70 67.21 10.54 -36.07
C GLY B 70 66.62 10.77 -34.70
N THR B 71 67.36 10.37 -33.66
CA THR B 71 66.93 10.52 -32.29
C THR B 71 66.50 11.94 -31.93
N ASP B 72 65.72 12.04 -30.84
CA ASP B 72 65.21 13.31 -30.34
C ASP B 72 66.19 13.87 -29.32
N SER B 73 66.10 15.17 -29.06
CA SER B 73 66.98 15.83 -28.11
C SER B 73 66.71 15.37 -26.69
N GLU B 74 67.53 15.83 -25.76
CA GLU B 74 67.34 15.47 -24.37
C GLU B 74 66.10 16.14 -23.79
N GLU B 75 65.90 17.41 -24.12
CA GLU B 75 64.75 18.14 -23.62
C GLU B 75 63.45 17.48 -24.09
N THR B 76 63.38 17.13 -25.37
CA THR B 76 62.19 16.50 -25.93
C THR B 76 61.85 15.22 -25.17
N ILE B 77 62.84 14.35 -25.01
CA ILE B 77 62.66 13.09 -24.33
C ILE B 77 62.32 13.32 -22.86
N ARG B 78 62.96 14.32 -22.25
CA ARG B 78 62.67 14.66 -20.86
C ARG B 78 61.22 15.12 -20.76
N ASN B 79 60.77 15.87 -21.76
CA ASN B 79 59.41 16.39 -21.80
C ASN B 79 58.38 15.29 -22.16
N ALA B 80 58.83 14.19 -22.75
CA ALA B 80 57.92 13.09 -23.10
C ALA B 80 57.56 12.37 -21.80
N PHE B 81 58.54 12.22 -20.91
CA PHE B 81 58.31 11.59 -19.62
C PHE B 81 57.44 12.47 -18.74
N ALA B 82 57.65 13.79 -18.82
CA ALA B 82 56.90 14.74 -18.01
C ALA B 82 55.41 14.66 -18.25
N MET B 83 55.02 14.15 -19.41
CA MET B 83 53.61 14.02 -19.74
C MET B 83 52.93 12.91 -18.93
N PHE B 84 53.69 12.14 -18.15
CA PHE B 84 53.08 11.10 -17.34
C PHE B 84 53.30 11.38 -15.86
N ASP B 85 53.85 12.55 -15.58
CA ASP B 85 54.14 12.99 -14.23
C ASP B 85 53.45 14.32 -14.05
N GLU B 86 52.18 14.26 -13.70
CA GLU B 86 51.35 15.44 -13.54
C GLU B 86 51.75 16.30 -12.34
N GLN B 87 52.19 15.64 -11.27
CA GLN B 87 52.60 16.33 -10.05
C GLN B 87 53.91 17.03 -10.29
N GLU B 88 54.50 16.80 -11.44
CA GLU B 88 55.80 17.39 -11.75
C GLU B 88 56.74 17.12 -10.57
N THR B 89 56.82 15.86 -10.15
CA THR B 89 57.67 15.44 -9.04
C THR B 89 59.03 15.02 -9.57
N LYS B 90 59.13 14.99 -10.89
CA LYS B 90 60.36 14.61 -11.58
C LYS B 90 60.66 13.12 -11.44
N LYS B 91 59.63 12.33 -11.14
CA LYS B 91 59.77 10.89 -11.02
C LYS B 91 58.50 10.22 -11.51
N LEU B 92 58.61 8.93 -11.81
CA LEU B 92 57.47 8.14 -12.26
C LEU B 92 57.44 6.89 -11.39
N ASN B 93 56.25 6.45 -11.02
CA ASN B 93 56.14 5.24 -10.20
C ASN B 93 56.67 4.09 -11.02
N ILE B 94 57.57 3.31 -10.45
CA ILE B 94 58.16 2.19 -11.18
C ILE B 94 57.14 1.31 -11.87
N GLU B 95 56.06 0.96 -11.18
CA GLU B 95 55.05 0.10 -11.76
C GLU B 95 54.40 0.78 -12.94
N TYR B 96 54.16 2.08 -12.81
CA TYR B 96 53.53 2.85 -13.87
C TYR B 96 54.37 2.91 -15.16
N ILE B 97 55.64 3.31 -15.08
CA ILE B 97 56.47 3.38 -16.29
C ILE B 97 56.65 2.02 -16.98
N LYS B 98 56.80 0.96 -16.20
CA LYS B 98 56.94 -0.39 -16.76
C LYS B 98 55.65 -0.76 -17.45
N ASP B 99 54.54 -0.40 -16.81
CA ASP B 99 53.21 -0.65 -17.35
C ASP B 99 53.10 0.01 -18.71
N LEU B 100 53.48 1.27 -18.78
CA LEU B 100 53.45 2.01 -20.04
C LEU B 100 54.31 1.43 -21.15
N LEU B 101 55.54 1.03 -20.82
CA LEU B 101 56.48 0.53 -21.84
C LEU B 101 56.19 -0.86 -22.37
N GLU B 102 55.69 -1.71 -21.51
CA GLU B 102 55.44 -3.08 -21.87
C GLU B 102 54.04 -3.44 -22.37
N ASN B 103 53.00 -2.78 -21.83
CA ASN B 103 51.63 -3.15 -22.16
C ASN B 103 51.00 -2.12 -23.08
N MET B 104 51.65 -1.08 -23.51
CA MET B 104 51.03 -0.11 -24.39
C MET B 104 51.91 0.37 -25.54
N GLY B 105 51.33 1.22 -26.40
CA GLY B 105 52.06 1.73 -27.54
C GLY B 105 52.62 0.55 -28.30
N ASP B 106 53.91 0.62 -28.62
CA ASP B 106 54.58 -0.47 -29.31
C ASP B 106 55.21 -1.24 -28.17
N ASN B 107 54.49 -2.25 -27.69
CA ASN B 107 54.90 -3.05 -26.55
C ASN B 107 56.35 -3.57 -26.63
N PHE B 108 57.10 -3.35 -25.57
CA PHE B 108 58.47 -3.85 -25.46
C PHE B 108 58.36 -5.35 -25.14
N ASN B 109 59.18 -6.20 -25.74
CA ASN B 109 59.14 -7.61 -25.40
C ASN B 109 59.88 -7.70 -24.06
N LYS B 110 59.87 -8.85 -23.42
CA LYS B 110 60.50 -9.03 -22.12
C LYS B 110 62.02 -8.75 -22.03
N ASP B 111 62.74 -8.82 -23.15
CA ASP B 111 64.17 -8.56 -23.09
C ASP B 111 64.43 -7.06 -23.13
N GLU B 112 63.65 -6.34 -23.91
CA GLU B 112 63.81 -4.90 -24.00
C GLU B 112 63.58 -4.33 -22.60
N MET B 113 62.63 -4.92 -21.88
CA MET B 113 62.30 -4.51 -20.53
C MET B 113 63.48 -4.77 -19.60
N ARG B 114 64.06 -5.95 -19.71
CA ARG B 114 65.19 -6.31 -18.85
C ARG B 114 66.40 -5.41 -19.11
N MET B 115 66.68 -5.14 -20.38
CA MET B 115 67.81 -4.31 -20.73
C MET B 115 67.56 -2.85 -20.36
N THR B 116 66.30 -2.43 -20.32
CA THR B 116 65.97 -1.06 -20.01
C THR B 116 66.06 -0.76 -18.52
N PHE B 117 65.55 -1.66 -17.68
CA PHE B 117 65.59 -1.40 -16.25
C PHE B 117 66.78 -1.97 -15.52
N LYS B 118 67.64 -2.66 -16.26
CA LYS B 118 68.85 -3.24 -15.68
C LYS B 118 69.74 -2.17 -15.00
N GLU B 119 69.95 -1.04 -15.65
CA GLU B 119 70.77 0.02 -15.06
C GLU B 119 69.95 1.30 -14.81
N ALA B 120 68.64 1.20 -14.96
CA ALA B 120 67.73 2.33 -14.74
C ALA B 120 67.83 2.79 -13.30
N PRO B 121 67.91 4.11 -13.07
CA PRO B 121 68.01 4.69 -11.73
C PRO B 121 66.66 4.60 -11.02
N VAL B 122 66.58 3.73 -10.02
CA VAL B 122 65.34 3.53 -9.29
C VAL B 122 65.59 3.49 -7.79
N GLU B 123 64.78 4.22 -7.03
CA GLU B 123 64.91 4.23 -5.58
C GLU B 123 63.53 4.53 -4.98
N GLY B 124 63.20 3.80 -3.93
CA GLY B 124 61.91 3.96 -3.28
C GLY B 124 60.75 3.79 -4.25
N GLY B 125 60.93 2.91 -5.23
CA GLY B 125 59.89 2.66 -6.22
C GLY B 125 59.64 3.78 -7.21
N LYS B 126 60.52 4.77 -7.21
CA LYS B 126 60.37 5.91 -8.11
C LYS B 126 61.45 5.83 -9.19
N PHE B 127 61.04 6.08 -10.42
CA PHE B 127 61.92 6.05 -11.57
C PHE B 127 62.33 7.50 -11.86
N ASP B 128 63.63 7.77 -11.77
CA ASP B 128 64.14 9.09 -12.06
C ASP B 128 64.35 9.29 -13.55
N TYR B 129 63.29 9.71 -14.25
CA TYR B 129 63.38 9.91 -15.70
C TYR B 129 64.31 11.03 -16.18
N VAL B 130 64.55 12.05 -15.36
CA VAL B 130 65.44 13.13 -15.76
C VAL B 130 66.88 12.61 -15.78
N LYS B 131 67.19 11.75 -14.81
CA LYS B 131 68.51 11.17 -14.70
C LYS B 131 68.65 10.14 -15.82
N PHE B 132 67.62 9.31 -16.01
CA PHE B 132 67.61 8.30 -17.06
C PHE B 132 67.69 8.95 -18.45
N THR B 133 67.21 10.18 -18.56
CA THR B 133 67.26 10.90 -19.83
C THR B 133 68.69 11.38 -20.08
N ALA B 134 69.33 11.91 -19.04
CA ALA B 134 70.71 12.39 -19.14
C ALA B 134 71.58 11.21 -19.51
N MET B 135 71.24 10.05 -18.98
CA MET B 135 71.97 8.83 -19.21
C MET B 135 71.80 8.24 -20.60
N ILE B 136 70.61 8.36 -21.15
CA ILE B 136 70.36 7.81 -22.48
C ILE B 136 71.08 8.68 -23.53
N LYS B 137 71.04 9.98 -23.32
CA LYS B 137 71.64 10.94 -24.23
C LYS B 137 73.13 11.12 -24.01
N GLY B 138 73.79 10.06 -23.54
CA GLY B 138 75.23 10.15 -23.31
C GLY B 138 75.72 10.67 -21.97
N SER B 139 74.99 11.56 -21.32
CA SER B 139 75.45 12.11 -20.05
C SER B 139 75.32 11.14 -18.88
N PRO C 1 22.87 4.24 -39.13
CA PRO C 1 22.92 5.64 -39.66
C PRO C 1 23.64 5.66 -40.99
N LYS C 2 23.50 6.77 -41.73
CA LYS C 2 24.16 6.93 -43.01
C LYS C 2 25.41 7.77 -42.79
N LEU C 3 26.38 7.19 -42.10
CA LEU C 3 27.63 7.88 -41.82
C LEU C 3 28.30 8.31 -43.10
N SER C 4 28.83 9.53 -43.08
CA SER C 4 29.52 10.10 -44.22
C SER C 4 30.96 9.59 -44.24
N GLN C 5 31.79 10.23 -45.05
CA GLN C 5 33.18 9.82 -45.13
C GLN C 5 33.90 10.43 -43.94
N ASP C 6 33.73 11.74 -43.79
CA ASP C 6 34.36 12.49 -42.70
C ASP C 6 34.14 11.83 -41.33
N GLU C 7 32.94 11.31 -41.09
CA GLU C 7 32.62 10.66 -39.83
C GLU C 7 33.26 9.29 -39.66
N ILE C 8 33.40 8.53 -40.74
CA ILE C 8 34.05 7.23 -40.62
C ILE C 8 35.54 7.49 -40.44
N ASP C 9 35.99 8.65 -40.90
CA ASP C 9 37.38 9.06 -40.77
C ASP C 9 37.61 9.39 -39.30
N ASP C 10 36.67 10.11 -38.70
CA ASP C 10 36.77 10.46 -37.29
C ASP C 10 36.78 9.19 -36.44
N LEU C 11 35.96 8.23 -36.84
CA LEU C 11 35.88 6.96 -36.13
C LEU C 11 37.21 6.21 -36.23
N LYS C 12 37.78 6.18 -37.43
CA LYS C 12 39.06 5.49 -37.61
C LYS C 12 40.15 6.15 -36.77
N ASP C 13 40.17 7.48 -36.73
CA ASP C 13 41.16 8.20 -35.93
C ASP C 13 41.08 7.85 -34.44
N VAL C 14 39.85 7.76 -33.92
CA VAL C 14 39.66 7.48 -32.51
C VAL C 14 40.03 6.04 -32.22
N PHE C 15 39.62 5.15 -33.10
CA PHE C 15 39.93 3.74 -32.96
C PHE C 15 41.45 3.56 -32.87
N GLU C 16 42.18 4.18 -33.81
CA GLU C 16 43.63 4.11 -33.88
C GLU C 16 44.26 4.55 -32.57
N LEU C 17 43.90 5.73 -32.08
CA LEU C 17 44.42 6.19 -30.80
C LEU C 17 44.15 5.10 -29.74
N PHE C 18 42.90 4.67 -29.62
CA PHE C 18 42.60 3.63 -28.63
C PHE C 18 43.31 2.30 -28.90
N ASP C 19 43.60 1.99 -30.15
CA ASP C 19 44.29 0.73 -30.42
C ASP C 19 45.73 0.85 -29.95
N PHE C 20 46.22 2.09 -29.96
CA PHE C 20 47.57 2.36 -29.51
C PHE C 20 47.67 2.18 -28.00
N TRP C 21 46.71 2.71 -27.25
CA TRP C 21 46.77 2.59 -25.80
C TRP C 21 46.70 1.23 -25.13
N ASP C 22 46.04 0.24 -25.72
CA ASP C 22 46.08 -1.07 -25.08
C ASP C 22 47.06 -1.91 -25.87
N GLY C 23 47.95 -1.22 -26.59
CA GLY C 23 48.97 -1.88 -27.38
C GLY C 23 48.54 -1.98 -28.83
N ARG C 24 49.31 -1.26 -29.63
CA ARG C 24 49.08 -1.18 -31.05
C ARG C 24 49.11 -2.52 -31.73
N ASP C 25 47.96 -2.94 -32.27
CA ASP C 25 47.88 -4.21 -32.99
C ASP C 25 46.63 -4.31 -33.92
N GLY C 26 46.04 -3.19 -34.38
CA GLY C 26 44.86 -3.19 -35.24
C GLY C 26 43.58 -3.62 -34.50
N ALA C 27 43.67 -3.75 -33.17
CA ALA C 27 42.51 -4.14 -32.37
C ALA C 27 42.30 -3.23 -31.15
N VAL C 28 41.06 -3.15 -30.71
CA VAL C 28 40.70 -2.33 -29.56
C VAL C 28 39.96 -3.20 -28.56
N ASP C 29 40.36 -3.15 -27.30
CA ASP C 29 39.70 -3.96 -26.30
C ASP C 29 38.22 -3.61 -26.22
N ALA C 30 37.36 -4.62 -26.19
CA ALA C 30 35.91 -4.43 -26.14
C ALA C 30 35.45 -3.68 -24.89
N PHE C 31 36.21 -3.77 -23.81
CA PHE C 31 35.87 -3.06 -22.57
C PHE C 31 36.01 -1.54 -22.82
N LYS C 32 36.64 -1.18 -23.93
CA LYS C 32 36.84 0.23 -24.27
C LYS C 32 35.91 0.71 -25.37
N LEU C 33 35.04 -0.19 -25.84
CA LEU C 33 34.11 0.18 -26.91
C LEU C 33 33.23 1.39 -26.56
N GLY C 34 32.83 1.49 -25.30
CA GLY C 34 32.00 2.60 -24.86
C GLY C 34 32.73 3.94 -24.89
N ASP C 35 33.91 4.00 -24.30
CA ASP C 35 34.71 5.23 -24.26
C ASP C 35 35.07 5.71 -25.66
N VAL C 36 35.23 4.78 -26.61
CA VAL C 36 35.55 5.19 -27.98
C VAL C 36 34.44 6.09 -28.49
N CYS C 37 33.21 5.62 -28.33
CA CYS C 37 32.01 6.33 -28.77
C CYS C 37 31.80 7.67 -28.04
N ARG C 38 32.22 7.76 -26.79
CA ARG C 38 32.08 9.02 -26.06
C ARG C 38 32.99 10.07 -26.68
N CYS C 39 34.20 9.67 -27.06
CA CYS C 39 35.17 10.55 -27.73
C CYS C 39 34.58 11.14 -29.01
N LEU C 40 33.65 10.41 -29.62
CA LEU C 40 33.01 10.87 -30.85
C LEU C 40 31.74 11.68 -30.61
N GLY C 41 31.54 12.14 -29.38
CA GLY C 41 30.38 12.96 -29.07
C GLY C 41 29.03 12.30 -28.83
N ILE C 42 29.06 11.01 -28.49
CA ILE C 42 27.86 10.25 -28.22
C ILE C 42 27.86 10.00 -26.72
N ASN C 43 26.67 9.93 -26.13
CA ASN C 43 26.53 9.68 -24.70
C ASN C 43 25.74 8.39 -24.45
N PRO C 44 26.34 7.22 -24.76
CA PRO C 44 25.62 5.95 -24.55
C PRO C 44 25.57 5.41 -23.13
N ARG C 45 24.46 4.72 -22.83
CA ARG C 45 24.23 4.11 -21.53
C ARG C 45 24.99 2.78 -21.51
N ASN C 46 25.32 2.27 -20.33
CA ASN C 46 26.05 1.01 -20.26
C ASN C 46 25.28 -0.10 -20.91
N GLU C 47 23.99 -0.17 -20.63
CA GLU C 47 23.13 -1.19 -21.21
C GLU C 47 23.24 -1.15 -22.74
N ASP C 48 23.30 0.06 -23.31
CA ASP C 48 23.41 0.24 -24.75
C ASP C 48 24.71 -0.37 -25.30
N VAL C 49 25.80 -0.21 -24.57
CA VAL C 49 27.07 -0.72 -25.05
C VAL C 49 27.22 -2.24 -24.91
N PHE C 50 26.80 -2.80 -23.79
CA PHE C 50 26.90 -4.24 -23.60
C PHE C 50 26.11 -4.92 -24.72
N ALA C 51 25.03 -4.26 -25.15
CA ALA C 51 24.18 -4.77 -26.20
C ALA C 51 24.83 -4.73 -27.58
N VAL C 52 25.77 -3.82 -27.80
CA VAL C 52 26.45 -3.77 -29.10
C VAL C 52 27.77 -4.54 -29.01
N GLY C 53 27.98 -5.25 -27.90
CA GLY C 53 29.18 -6.04 -27.75
C GLY C 53 30.21 -5.64 -26.71
N GLY C 54 30.01 -4.51 -26.04
CA GLY C 54 30.97 -4.09 -25.04
C GLY C 54 31.10 -5.15 -23.95
N THR C 55 32.30 -5.27 -23.38
CA THR C 55 32.55 -6.25 -22.32
C THR C 55 32.63 -5.59 -20.95
N HIS C 56 32.87 -6.38 -19.91
CA HIS C 56 32.91 -5.87 -18.55
C HIS C 56 34.29 -5.69 -17.95
N LYS C 57 35.30 -6.26 -18.59
CA LYS C 57 36.67 -6.14 -18.10
C LYS C 57 37.69 -6.16 -19.22
N MET C 58 38.82 -5.49 -18.98
CA MET C 58 39.92 -5.48 -19.94
C MET C 58 40.37 -6.93 -20.03
N GLY C 59 40.99 -7.29 -21.14
CA GLY C 59 41.46 -8.65 -21.31
C GLY C 59 40.36 -9.68 -21.28
N GLU C 60 39.56 -9.70 -22.35
CA GLU C 60 38.43 -10.63 -22.51
C GLU C 60 38.14 -10.73 -24.00
N LYS C 61 37.87 -9.59 -24.64
CA LYS C 61 37.58 -9.59 -26.07
C LYS C 61 38.14 -8.30 -26.70
N SER C 62 38.70 -8.44 -27.90
CA SER C 62 39.27 -7.31 -28.63
C SER C 62 38.50 -7.09 -29.90
N LEU C 63 38.62 -5.90 -30.47
CA LEU C 63 37.88 -5.60 -31.69
C LEU C 63 38.64 -4.88 -32.77
N PRO C 64 38.52 -5.38 -34.01
CA PRO C 64 39.16 -4.80 -35.18
C PRO C 64 38.21 -3.68 -35.60
N PHE C 65 38.66 -2.80 -36.47
CA PHE C 65 37.83 -1.70 -36.90
C PHE C 65 36.53 -2.10 -37.59
N GLU C 66 36.58 -3.12 -38.44
CA GLU C 66 35.40 -3.59 -39.16
C GLU C 66 34.21 -3.91 -38.25
N GLU C 67 34.49 -4.47 -37.09
CA GLU C 67 33.43 -4.81 -36.15
C GLU C 67 32.95 -3.62 -35.33
N PHE C 68 33.79 -2.61 -35.23
CA PHE C 68 33.48 -1.40 -34.49
C PHE C 68 32.40 -0.57 -35.19
N LEU C 69 32.63 -0.26 -36.45
CA LEU C 69 31.71 0.54 -37.26
C LEU C 69 30.25 0.20 -36.99
N PRO C 70 29.89 -1.10 -37.05
CA PRO C 70 28.50 -1.53 -36.79
C PRO C 70 28.09 -1.19 -35.37
N ALA C 71 28.91 -1.57 -34.40
CA ALA C 71 28.63 -1.29 -33.00
C ALA C 71 28.41 0.21 -32.87
N TYR C 72 29.21 0.99 -33.59
CA TYR C 72 29.05 2.44 -33.52
C TYR C 72 27.71 2.87 -34.09
N GLU C 73 27.44 2.52 -35.35
CA GLU C 73 26.17 2.89 -35.98
C GLU C 73 25.01 2.45 -35.10
N GLY C 74 25.20 1.38 -34.35
CA GLY C 74 24.17 0.92 -33.45
C GLY C 74 23.96 1.88 -32.28
N LEU C 75 25.04 2.29 -31.63
CA LEU C 75 24.94 3.22 -30.51
C LEU C 75 24.45 4.60 -30.95
N MET C 76 24.49 4.87 -32.24
CA MET C 76 24.04 6.16 -32.75
C MET C 76 22.51 6.21 -32.76
N ASP C 77 21.90 5.03 -32.77
CA ASP C 77 20.45 4.93 -32.79
C ASP C 77 19.82 5.16 -31.42
N CYS C 78 20.45 4.66 -30.36
CA CYS C 78 19.90 4.82 -29.01
C CYS C 78 19.55 6.26 -28.64
N GLU C 79 18.56 6.40 -27.76
CA GLU C 79 18.05 7.68 -27.30
C GLU C 79 19.04 8.53 -26.50
N GLN C 80 19.09 9.81 -26.85
CA GLN C 80 19.96 10.78 -26.20
C GLN C 80 19.11 11.71 -25.34
N GLY C 81 19.49 11.91 -24.09
CA GLY C 81 18.69 12.78 -23.24
C GLY C 81 18.71 14.25 -23.62
N THR C 82 17.57 14.93 -23.48
CA THR C 82 17.46 16.37 -23.79
C THR C 82 17.51 17.17 -22.48
N PHE C 83 17.50 18.49 -22.61
CA PHE C 83 17.53 19.40 -21.47
C PHE C 83 16.25 19.27 -20.65
N ALA C 84 15.12 19.30 -21.35
CA ALA C 84 13.82 19.19 -20.72
C ALA C 84 13.65 17.81 -20.04
N ASP C 85 14.28 16.74 -20.56
CA ASP C 85 14.14 15.42 -19.90
C ASP C 85 14.81 15.49 -18.53
N TYR C 86 15.99 16.12 -18.48
CA TYR C 86 16.74 16.23 -17.23
C TYR C 86 16.08 17.11 -16.18
N MET C 87 15.50 18.23 -16.60
CA MET C 87 14.84 19.13 -15.68
C MET C 87 13.63 18.46 -15.02
N GLU C 88 12.77 17.84 -15.82
CA GLU C 88 11.61 17.16 -15.28
C GLU C 88 12.08 16.11 -14.26
N ALA C 89 13.07 15.28 -14.63
CA ALA C 89 13.57 14.27 -13.70
C ALA C 89 14.03 14.90 -12.40
N PHE C 90 14.83 15.96 -12.49
CA PHE C 90 15.30 16.60 -11.25
C PHE C 90 14.14 17.24 -10.52
N LYS C 91 13.17 17.73 -11.27
CA LYS C 91 12.00 18.34 -10.67
C LYS C 91 11.31 17.37 -9.74
N THR C 92 11.36 16.07 -10.05
CA THR C 92 10.73 15.09 -9.18
C THR C 92 11.34 15.06 -7.78
N PHE C 93 12.59 15.47 -7.64
CA PHE C 93 13.24 15.46 -6.30
C PHE C 93 13.21 16.82 -5.62
N ASP C 94 12.66 17.79 -6.31
CA ASP C 94 12.58 19.17 -5.82
C ASP C 94 11.24 19.45 -5.13
N ARG C 95 11.21 19.32 -3.81
CA ARG C 95 10.00 19.58 -3.02
C ARG C 95 9.55 21.05 -3.09
N GLU C 96 10.45 21.98 -2.78
CA GLU C 96 10.09 23.40 -2.82
C GLU C 96 9.90 23.94 -4.23
N GLY C 97 10.35 23.18 -5.23
CA GLY C 97 10.20 23.61 -6.61
C GLY C 97 10.84 24.96 -6.91
N GLN C 98 12.02 25.18 -6.35
CA GLN C 98 12.75 26.41 -6.55
C GLN C 98 13.94 26.28 -7.49
N GLY C 99 14.36 25.04 -7.75
CA GLY C 99 15.49 24.80 -8.62
C GLY C 99 16.67 24.35 -7.77
N PHE C 100 16.39 24.02 -6.51
CA PHE C 100 17.43 23.58 -5.60
C PHE C 100 17.30 22.13 -5.12
N ILE C 101 18.46 21.51 -4.90
CA ILE C 101 18.55 20.15 -4.40
C ILE C 101 19.85 20.17 -3.60
N SER C 102 19.85 19.54 -2.43
CA SER C 102 21.05 19.52 -1.61
C SER C 102 22.17 18.73 -2.25
N GLY C 103 23.40 19.11 -1.97
CA GLY C 103 24.54 18.40 -2.52
C GLY C 103 24.44 16.92 -2.25
N ALA C 104 24.01 16.56 -1.04
CA ALA C 104 23.87 15.16 -0.66
C ALA C 104 22.83 14.45 -1.53
N GLU C 105 21.70 15.10 -1.77
CA GLU C 105 20.71 14.47 -2.58
C GLU C 105 21.25 14.29 -4.00
N LEU C 106 21.89 15.32 -4.55
CA LEU C 106 22.46 15.21 -5.89
C LEU C 106 23.40 14.01 -5.92
N ARG C 107 24.30 13.90 -4.94
CA ARG C 107 25.22 12.78 -4.91
C ARG C 107 24.47 11.44 -4.78
N HIS C 108 23.40 11.42 -3.99
CA HIS C 108 22.61 10.21 -3.82
C HIS C 108 22.03 9.73 -5.16
N VAL C 109 21.42 10.65 -5.92
CA VAL C 109 20.82 10.34 -7.20
C VAL C 109 21.83 9.79 -8.22
N LEU C 110 23.00 10.41 -8.29
CA LEU C 110 24.03 10.00 -9.23
C LEU C 110 24.72 8.70 -8.86
N THR C 111 24.87 8.44 -7.56
CA THR C 111 25.54 7.23 -7.08
C THR C 111 24.64 6.06 -6.70
N ALA C 112 23.35 6.30 -6.50
CA ALA C 112 22.45 5.21 -6.10
C ALA C 112 21.28 4.89 -7.04
N LEU C 113 20.95 5.78 -7.97
CA LEU C 113 19.85 5.53 -8.89
C LEU C 113 20.34 5.22 -10.32
N GLY C 114 19.42 4.84 -11.20
CA GLY C 114 19.79 4.50 -12.57
C GLY C 114 21.03 3.63 -12.66
N GLU C 115 21.89 3.89 -13.63
CA GLU C 115 23.13 3.13 -13.76
C GLU C 115 24.10 3.94 -12.89
N ARG C 116 24.27 3.52 -11.65
CA ARG C 116 25.12 4.22 -10.69
C ARG C 116 26.47 4.71 -11.21
N LEU C 117 26.94 5.81 -10.64
CA LEU C 117 28.26 6.35 -10.94
C LEU C 117 29.01 6.11 -9.64
N SER C 118 30.33 6.21 -9.67
CA SER C 118 31.10 5.98 -8.44
C SER C 118 31.36 7.32 -7.77
N ASP C 119 31.77 7.27 -6.51
CA ASP C 119 32.05 8.50 -5.77
C ASP C 119 33.22 9.28 -6.33
N GLU C 120 34.11 8.63 -7.07
CA GLU C 120 35.24 9.34 -7.65
C GLU C 120 34.75 10.10 -8.88
N ASP C 121 33.90 9.46 -9.68
CA ASP C 121 33.37 10.11 -10.88
C ASP C 121 32.52 11.32 -10.53
N VAL C 122 31.81 11.24 -9.40
CA VAL C 122 30.98 12.36 -8.97
C VAL C 122 31.86 13.50 -8.48
N ASP C 123 32.90 13.17 -7.73
CA ASP C 123 33.84 14.17 -7.23
C ASP C 123 34.48 14.86 -8.44
N GLU C 124 34.93 14.05 -9.40
CA GLU C 124 35.56 14.54 -10.62
C GLU C 124 34.68 15.48 -11.41
N ILE C 125 33.42 15.08 -11.65
CA ILE C 125 32.53 15.93 -12.44
C ILE C 125 32.15 17.20 -11.69
N ILE C 126 32.02 17.11 -10.37
CA ILE C 126 31.68 18.28 -9.56
C ILE C 126 32.82 19.30 -9.65
N LYS C 127 34.05 18.83 -9.54
CA LYS C 127 35.21 19.72 -9.62
C LYS C 127 35.37 20.33 -11.02
N LEU C 128 35.21 19.50 -12.05
CA LEU C 128 35.35 19.95 -13.44
C LEU C 128 34.31 20.97 -13.86
N THR C 129 33.13 20.87 -13.31
CA THR C 129 32.07 21.80 -13.65
C THR C 129 32.10 22.93 -12.64
N ASP C 130 32.95 22.77 -11.64
CA ASP C 130 33.10 23.79 -10.61
C ASP C 130 31.77 24.06 -9.91
N LEU C 131 31.00 23.00 -9.68
CA LEU C 131 29.71 23.15 -9.02
C LEU C 131 29.92 23.35 -7.54
N GLN C 132 29.37 24.44 -7.02
CA GLN C 132 29.49 24.71 -5.60
C GLN C 132 28.14 25.00 -4.97
N GLU C 133 27.99 24.57 -3.72
CA GLU C 133 26.75 24.77 -2.99
C GLU C 133 26.75 26.01 -2.11
N ASP C 134 25.57 26.60 -1.91
CA ASP C 134 25.40 27.79 -1.08
C ASP C 134 25.68 27.47 0.38
N LEU C 135 25.33 28.38 1.28
CA LEU C 135 25.60 28.14 2.69
C LEU C 135 24.77 26.99 3.28
N GLU C 136 23.59 26.77 2.72
CA GLU C 136 22.71 25.70 3.19
C GLU C 136 23.25 24.37 2.68
N GLY C 137 24.10 24.43 1.68
CA GLY C 137 24.65 23.22 1.12
C GLY C 137 23.78 22.70 -0.03
N ASN C 138 23.06 23.62 -0.68
CA ASN C 138 22.20 23.25 -1.80
C ASN C 138 22.80 23.76 -3.12
N VAL C 139 22.35 23.18 -4.23
CA VAL C 139 22.85 23.55 -5.54
C VAL C 139 21.71 23.85 -6.49
N LYS C 140 22.05 24.50 -7.59
CA LYS C 140 21.09 24.85 -8.60
C LYS C 140 21.25 23.79 -9.68
N TYR C 141 20.42 22.76 -9.64
CA TYR C 141 20.56 21.68 -10.60
C TYR C 141 20.47 22.08 -12.09
N GLU C 142 19.79 23.17 -12.37
CA GLU C 142 19.66 23.62 -13.76
C GLU C 142 21.00 24.08 -14.32
N ASP C 143 21.84 24.67 -13.48
CA ASP C 143 23.14 25.13 -13.92
C ASP C 143 24.02 23.91 -14.14
N PHE C 144 23.90 22.95 -13.24
CA PHE C 144 24.68 21.73 -13.34
C PHE C 144 24.33 20.97 -14.61
N VAL C 145 23.04 20.85 -14.91
CA VAL C 145 22.64 20.14 -16.09
C VAL C 145 23.22 20.84 -17.32
N LYS C 146 23.28 22.17 -17.25
CA LYS C 146 23.82 22.99 -18.32
C LYS C 146 25.33 22.79 -18.52
N LYS C 147 26.06 22.69 -17.42
CA LYS C 147 27.49 22.52 -17.48
C LYS C 147 27.83 21.16 -18.08
N VAL C 148 27.08 20.13 -17.70
CA VAL C 148 27.34 18.79 -18.19
C VAL C 148 27.04 18.70 -19.68
N MET C 149 25.88 19.21 -20.08
CA MET C 149 25.50 19.18 -21.49
C MET C 149 26.40 20.06 -22.39
N ALA C 150 27.07 21.06 -21.82
CA ALA C 150 27.92 21.95 -22.60
C ALA C 150 29.31 21.36 -22.90
N GLY C 151 29.74 20.40 -22.09
CA GLY C 151 31.03 19.77 -22.32
C GLY C 151 32.21 20.41 -21.64
N PRO C 152 33.36 19.68 -21.60
CA PRO C 152 34.59 20.15 -20.97
C PRO C 152 35.09 21.49 -21.52
N TYR C 153 34.83 21.74 -22.81
CA TYR C 153 35.26 22.99 -23.46
C TYR C 153 34.07 23.83 -23.90
N PRO C 154 33.51 24.61 -22.97
CA PRO C 154 32.34 25.45 -23.25
C PRO C 154 32.63 26.68 -24.12
#